data_6P55
#
_entry.id   6P55
#
_cell.length_a   44.493
_cell.length_b   78.013
_cell.length_c   86.902
_cell.angle_alpha   90.00
_cell.angle_beta   90.54
_cell.angle_gamma   90.00
#
_symmetry.space_group_name_H-M   'P 1 21 1'
#
loop_
_entity.id
_entity.type
_entity.pdbx_description
1 polymer 'peptidoglycan D,D-transpeptidase PenA'
2 non-polymer 'cefixime, bound form'
3 non-polymer 'PHOSPHATE ION'
4 non-polymer DI(HYDROXYETHYL)ETHER
5 water water
#
_entity_poly.entity_id   1
_entity_poly.type   'polypeptide(L)'
_entity_poly.pdbx_seq_one_letter_code
;GSGGALSLDQRIQTLAYEELNKAVEYHQAKAGTVVVLDARTGEILALANTPGRNRAVTDMIEPGSAIKPFVIAKALDAGK
TDLNERLNTQPYKIGPSPVRDTHVYPSLDVRGIMQKSSNVGTSKLSARFGAEEMYDFYHELGIGVRMHSGFPGETAGLLR
NWRRWRPIEQATMSFGYGLQLSLLQLARAYTALTHDGVLLPLSFEKQAVAPQGKRIFKESTAREVRNLMVSVTEPGGTGT
AGAVDGFDVGAKTGTARKFVNGRYADNKHVATFIGFAPAKNPRVIVAVTIDEPTAHGYYGGVVAGPPFKKIMGGSLNILG
ISPTKPLTA
;
_entity_poly.pdbx_strand_id   A,B
#
# COMPACT_ATOMS: atom_id res chain seq x y z
N GLY A 4 -8.95 9.65 28.90
CA GLY A 4 -10.04 9.57 27.87
C GLY A 4 -11.01 8.44 28.17
N ALA A 5 -12.27 8.63 27.80
CA ALA A 5 -13.30 7.62 28.04
C ALA A 5 -13.04 6.38 27.20
N LEU A 6 -13.02 5.21 27.85
CA LEU A 6 -12.78 3.93 27.16
C LEU A 6 -13.89 3.66 26.17
N SER A 7 -13.53 3.08 25.01
CA SER A 7 -14.52 2.83 23.95
C SER A 7 -15.45 1.68 24.31
N LEU A 8 -14.95 0.73 25.10
CA LEU A 8 -15.73 -0.45 25.46
C LEU A 8 -17.09 -0.08 26.07
N ASP A 9 -18.13 -0.74 25.58
CA ASP A 9 -19.46 -0.62 26.16
C ASP A 9 -19.72 -1.90 26.93
N GLN A 10 -19.85 -1.82 28.25
CA GLN A 10 -19.94 -3.02 29.06
C GLN A 10 -21.14 -3.91 28.71
N ARG A 11 -22.30 -3.29 28.46
CA ARG A 11 -23.48 -4.08 28.08
C ARG A 11 -23.29 -4.81 26.74
N ILE A 12 -22.69 -4.14 25.76
CA ILE A 12 -22.40 -4.80 24.47
C ILE A 12 -21.36 -5.91 24.67
N GLN A 13 -20.32 -5.63 25.45
CA GLN A 13 -19.30 -6.63 25.73
C GLN A 13 -19.88 -7.89 26.38
N THR A 14 -20.74 -7.69 27.37
CA THR A 14 -21.39 -8.80 28.06
C THR A 14 -22.29 -9.59 27.10
N LEU A 15 -23.10 -8.87 26.33
CA LEU A 15 -23.95 -9.49 25.32
C LEU A 15 -23.13 -10.32 24.34
N ALA A 16 -22.08 -9.72 23.80
CA ALA A 16 -21.25 -10.40 22.79
C ALA A 16 -20.58 -11.65 23.39
N TYR A 17 -20.05 -11.49 24.59
CA TYR A 17 -19.42 -12.62 25.27
C TYR A 17 -20.40 -13.78 25.52
N GLU A 18 -21.58 -13.45 26.04
CA GLU A 18 -22.56 -14.46 26.41
C GLU A 18 -23.13 -15.17 25.17
N GLU A 19 -23.46 -14.40 24.14
CA GLU A 19 -24.00 -15.00 22.91
C GLU A 19 -22.95 -15.80 22.13
N LEU A 20 -21.71 -15.34 22.14
CA LEU A 20 -20.63 -16.09 21.51
C LEU A 20 -20.43 -17.45 22.15
N ASN A 21 -20.32 -17.45 23.48
CA ASN A 21 -20.08 -18.71 24.18
C ASN A 21 -21.28 -19.65 24.09
N LYS A 22 -22.48 -19.11 24.04
CA LYS A 22 -23.68 -19.93 23.81
C LYS A 22 -23.65 -20.61 22.44
N ALA A 23 -23.26 -19.86 21.40
CA ALA A 23 -23.18 -20.42 20.05
C ALA A 23 -22.09 -21.47 19.92
N VAL A 24 -20.93 -21.23 20.54
CA VAL A 24 -19.82 -22.18 20.49
C VAL A 24 -20.24 -23.50 21.17
N GLU A 25 -20.94 -23.39 22.28
CA GLU A 25 -21.47 -24.57 22.99
C GLU A 25 -22.50 -25.31 22.15
N TYR A 26 -23.49 -24.58 21.64
CA TYR A 26 -24.54 -25.18 20.83
C TYR A 26 -23.97 -25.95 19.62
N HIS A 27 -23.01 -25.36 18.93
CA HIS A 27 -22.36 -25.97 17.77
C HIS A 27 -21.16 -26.88 18.12
N GLN A 28 -20.90 -27.06 19.42
CA GLN A 28 -19.80 -27.91 19.88
C GLN A 28 -18.52 -27.57 19.10
N ALA A 29 -18.21 -26.28 19.07
CA ALA A 29 -17.08 -25.77 18.30
C ALA A 29 -15.86 -25.68 19.19
N LYS A 30 -14.70 -25.47 18.57
CA LYS A 30 -13.41 -25.36 19.27
C LYS A 30 -13.24 -24.02 19.99
N ALA A 31 -13.65 -22.95 19.31
CA ALA A 31 -13.43 -21.60 19.82
C ALA A 31 -14.29 -20.65 19.02
N GLY A 32 -14.33 -19.40 19.44
CA GLY A 32 -15.04 -18.35 18.69
C GLY A 32 -14.54 -16.98 19.07
N THR A 33 -14.84 -16.00 18.23
CA THR A 33 -14.44 -14.61 18.47
C THR A 33 -15.50 -13.65 17.95
N VAL A 34 -15.67 -12.51 18.63
CA VAL A 34 -16.60 -11.46 18.20
C VAL A 34 -15.93 -10.09 18.35
N VAL A 35 -16.13 -9.22 17.36
CA VAL A 35 -15.72 -7.82 17.45
C VAL A 35 -16.97 -6.98 17.19
N VAL A 36 -17.19 -5.94 18.00
CA VAL A 36 -18.26 -4.98 17.72
C VAL A 36 -17.64 -3.59 17.61
N LEU A 37 -17.92 -2.89 16.51
CA LEU A 37 -17.38 -1.57 16.26
C LEU A 37 -18.48 -0.52 16.08
N ASP A 38 -18.16 0.70 16.48
CA ASP A 38 -18.90 1.88 16.04
C ASP A 38 -18.54 2.14 14.56
N ALA A 39 -19.55 2.08 13.70
CA ALA A 39 -19.37 2.12 12.26
C ALA A 39 -19.06 3.50 11.72
N ARG A 40 -19.30 4.54 12.54
CA ARG A 40 -19.07 5.94 12.14
C ARG A 40 -17.71 6.49 12.55
N THR A 41 -17.21 6.05 13.70
CA THR A 41 -15.97 6.62 14.21
C THR A 41 -14.91 5.57 14.57
N GLY A 42 -15.26 4.29 14.51
CA GLY A 42 -14.26 3.23 14.68
C GLY A 42 -13.96 2.83 16.11
N GLU A 43 -14.74 3.31 17.08
CA GLU A 43 -14.62 2.86 18.48
C GLU A 43 -14.81 1.34 18.55
N ILE A 44 -13.93 0.69 19.31
CA ILE A 44 -14.08 -0.72 19.60
C ILE A 44 -15.01 -0.88 20.81
N LEU A 45 -16.25 -1.30 20.54
CA LEU A 45 -17.28 -1.41 21.57
C LEU A 45 -17.22 -2.72 22.34
N ALA A 46 -16.76 -3.78 21.69
CA ALA A 46 -16.61 -5.07 22.33
C ALA A 46 -15.62 -5.92 21.58
N LEU A 47 -14.90 -6.74 22.33
CA LEU A 47 -13.94 -7.68 21.82
C LEU A 47 -14.14 -8.89 22.71
N ALA A 48 -14.72 -9.96 22.19
CA ALA A 48 -15.03 -11.14 23.01
C ALA A 48 -14.43 -12.40 22.42
N ASN A 49 -14.05 -13.31 23.31
CA ASN A 49 -13.37 -14.53 22.96
C ASN A 49 -13.92 -15.66 23.82
N THR A 50 -13.77 -16.88 23.31
CA THR A 50 -13.95 -18.05 24.16
C THR A 50 -12.71 -18.15 25.08
N PRO A 51 -12.82 -18.91 26.18
CA PRO A 51 -11.73 -18.89 27.15
C PRO A 51 -10.37 -19.23 26.57
N GLY A 52 -9.36 -18.50 27.05
CA GLY A 52 -8.02 -18.60 26.58
C GLY A 52 -7.60 -17.24 26.08
N ARG A 53 -6.80 -17.22 25.04
CA ARG A 53 -6.14 -16.00 24.61
C ARG A 53 -7.11 -15.09 23.85
N ASN A 54 -6.62 -13.88 23.59
CA ASN A 54 -7.40 -12.86 22.94
C ASN A 54 -7.30 -13.08 21.42
N ARG A 55 -8.00 -14.11 20.95
CA ARG A 55 -7.92 -14.56 19.55
C ARG A 55 -8.30 -13.45 18.55
N ALA A 56 -9.22 -12.56 18.95
CA ALA A 56 -9.64 -11.42 18.13
C ALA A 56 -8.46 -10.61 17.60
N VAL A 57 -7.41 -10.51 18.42
CA VAL A 57 -6.23 -9.74 18.04
C VAL A 57 -5.00 -10.59 17.76
N THR A 58 -4.88 -11.75 18.39
CA THR A 58 -3.68 -12.57 18.25
C THR A 58 -3.68 -13.54 17.08
N ASP A 59 -4.87 -13.97 16.63
CA ASP A 59 -4.95 -15.09 15.70
C ASP A 59 -5.18 -14.65 14.28
N MET A 60 -4.29 -15.09 13.38
CA MET A 60 -4.46 -14.96 11.94
C MET A 60 -5.48 -15.97 11.45
N ILE A 61 -6.48 -15.50 10.71
CA ILE A 61 -7.42 -16.40 10.02
C ILE A 61 -7.44 -16.03 8.55
N GLU A 62 -7.86 -16.95 7.70
CA GLU A 62 -8.13 -16.60 6.30
C GLU A 62 -9.48 -15.87 6.29
N PRO A 63 -9.57 -14.74 5.57
CA PRO A 63 -10.85 -14.04 5.52
C PRO A 63 -11.96 -14.81 4.79
N GLY A 64 -11.58 -15.78 3.94
CA GLY A 64 -12.55 -16.49 3.11
C GLY A 64 -13.43 -15.51 2.37
N SER A 65 -14.72 -15.78 2.32
CA SER A 65 -15.60 -15.00 1.47
C SER A 65 -15.91 -13.64 2.08
N ALA A 66 -15.48 -13.39 3.31
CA ALA A 66 -15.60 -12.06 3.90
C ALA A 66 -14.70 -11.00 3.22
N ILE A 67 -13.76 -11.42 2.37
CA ILE A 67 -12.98 -10.49 1.55
C ILE A 67 -13.75 -10.00 0.32
N LYS A 68 -14.77 -10.74 -0.11
CA LYS A 68 -15.40 -10.46 -1.39
C LYS A 68 -16.02 -9.06 -1.53
N PRO A 69 -16.65 -8.52 -0.46
CA PRO A 69 -17.21 -7.17 -0.62
C PRO A 69 -16.17 -6.15 -1.09
N PHE A 70 -14.93 -6.33 -0.68
CA PHE A 70 -13.87 -5.40 -1.04
C PHE A 70 -13.45 -5.54 -2.48
N VAL A 71 -13.34 -6.78 -2.96
CA VAL A 71 -13.01 -7.04 -4.37
C VAL A 71 -14.11 -6.47 -5.27
N ILE A 72 -15.36 -6.77 -4.93
CA ILE A 72 -16.52 -6.27 -5.67
C ILE A 72 -16.53 -4.73 -5.67
N ALA A 73 -16.39 -4.13 -4.49
CA ALA A 73 -16.32 -2.67 -4.38
C ALA A 73 -15.17 -2.08 -5.24
N LYS A 74 -14.00 -2.70 -5.22
CA LYS A 74 -12.88 -2.20 -6.00
CA LYS A 74 -12.86 -2.20 -6.00
C LYS A 74 -13.16 -2.25 -7.49
N ALA A 75 -13.74 -3.35 -7.95
CA ALA A 75 -14.10 -3.50 -9.37
C ALA A 75 -15.10 -2.44 -9.80
N LEU A 76 -16.12 -2.21 -8.98
CA LEU A 76 -17.10 -1.13 -9.23
C LEU A 76 -16.46 0.25 -9.22
N ASP A 77 -15.62 0.51 -8.21
CA ASP A 77 -14.98 1.80 -8.02
C ASP A 77 -14.10 2.19 -9.21
N ALA A 78 -13.37 1.21 -9.74
CA ALA A 78 -12.43 1.42 -10.84
C ALA A 78 -13.09 1.34 -12.21
N GLY A 79 -14.38 1.04 -12.24
CA GLY A 79 -15.14 0.94 -13.47
C GLY A 79 -14.88 -0.33 -14.28
N LYS A 80 -14.38 -1.37 -13.62
CA LYS A 80 -14.09 -2.68 -14.28
C LYS A 80 -15.34 -3.51 -14.47
N THR A 81 -16.36 -3.18 -13.69
CA THR A 81 -17.69 -3.72 -13.86
C THR A 81 -18.71 -2.67 -13.46
N ASP A 82 -19.99 -3.01 -13.61
CA ASP A 82 -21.06 -2.15 -13.16
C ASP A 82 -22.25 -3.00 -12.68
N LEU A 83 -23.32 -2.34 -12.27
CA LEU A 83 -24.44 -3.03 -11.64
C LEU A 83 -25.36 -3.72 -12.66
N ASN A 84 -25.09 -3.54 -13.93
CA ASN A 84 -25.86 -4.15 -15.01
C ASN A 84 -25.19 -5.37 -15.64
N GLU A 85 -23.89 -5.53 -15.46
CA GLU A 85 -23.20 -6.64 -16.10
C GLU A 85 -23.65 -7.97 -15.52
N ARG A 86 -23.89 -8.93 -16.41
CA ARG A 86 -24.18 -10.29 -16.03
C ARG A 86 -22.98 -11.12 -16.43
N LEU A 87 -22.30 -11.71 -15.46
CA LEU A 87 -21.09 -12.47 -15.71
C LEU A 87 -21.42 -13.95 -15.84
N ASN A 88 -20.77 -14.61 -16.78
CA ASN A 88 -20.75 -16.05 -16.83
C ASN A 88 -20.05 -16.54 -15.58
N THR A 89 -20.71 -17.39 -14.81
CA THR A 89 -20.14 -17.88 -13.56
C THR A 89 -19.97 -19.41 -13.52
N GLN A 90 -19.83 -20.02 -14.70
CA GLN A 90 -19.55 -21.46 -14.77
C GLN A 90 -18.17 -21.73 -14.16
N PRO A 91 -18.01 -22.85 -13.46
CA PRO A 91 -16.75 -23.18 -12.82
C PRO A 91 -15.68 -23.59 -13.82
N TYR A 92 -14.43 -23.55 -13.37
CA TYR A 92 -13.31 -24.00 -14.20
C TYR A 92 -12.16 -24.41 -13.29
N LYS A 93 -11.08 -24.87 -13.90
CA LYS A 93 -9.87 -25.22 -13.17
C LYS A 93 -8.65 -24.66 -13.89
N ILE A 94 -7.58 -24.46 -13.12
CA ILE A 94 -6.26 -24.27 -13.70
C ILE A 94 -5.40 -25.36 -13.09
N GLY A 95 -4.92 -26.27 -13.93
CA GLY A 95 -4.22 -27.45 -13.45
C GLY A 95 -5.09 -28.19 -12.46
N PRO A 96 -4.56 -28.45 -11.25
CA PRO A 96 -5.32 -29.18 -10.25
C PRO A 96 -6.30 -28.33 -9.42
N SER A 97 -6.26 -27.01 -9.61
CA SER A 97 -6.98 -26.07 -8.75
C SER A 97 -8.33 -25.65 -9.33
N PRO A 98 -9.44 -26.01 -8.64
CA PRO A 98 -10.76 -25.60 -9.11
C PRO A 98 -11.13 -24.19 -8.64
N VAL A 99 -11.82 -23.47 -9.52
CA VAL A 99 -12.49 -22.23 -9.16
C VAL A 99 -13.98 -22.51 -9.32
N ARG A 100 -14.64 -22.69 -8.17
CA ARG A 100 -15.99 -23.26 -8.17
C ARG A 100 -16.80 -22.79 -6.98
N ASP A 101 -18.10 -22.63 -7.21
CA ASP A 101 -19.07 -22.22 -6.20
C ASP A 101 -19.74 -23.45 -5.55
N THR A 102 -20.56 -23.20 -4.53
CA THR A 102 -21.28 -24.26 -3.83
CA THR A 102 -21.27 -24.29 -3.85
C THR A 102 -22.26 -24.96 -4.79
N HIS A 103 -22.82 -24.19 -5.71
CA HIS A 103 -23.68 -24.69 -6.78
C HIS A 103 -23.20 -24.06 -8.08
N VAL A 104 -23.52 -24.69 -9.21
CA VAL A 104 -23.29 -24.06 -10.50
C VAL A 104 -24.40 -23.02 -10.73
N TYR A 105 -23.99 -21.76 -10.76
CA TYR A 105 -24.82 -20.66 -11.21
C TYR A 105 -24.34 -20.31 -12.63
N PRO A 106 -25.22 -20.48 -13.62
CA PRO A 106 -24.77 -20.23 -15.00
C PRO A 106 -24.26 -18.81 -15.21
N SER A 107 -24.99 -17.86 -14.65
CA SER A 107 -24.61 -16.46 -14.68
C SER A 107 -25.20 -15.70 -13.50
N LEU A 108 -24.54 -14.62 -13.13
CA LEU A 108 -24.95 -13.76 -12.04
C LEU A 108 -24.52 -12.34 -12.34
N ASP A 109 -25.29 -11.37 -11.88
CA ASP A 109 -24.83 -9.99 -11.83
C ASP A 109 -24.04 -9.77 -10.54
N VAL A 110 -23.51 -8.57 -10.33
CA VAL A 110 -22.66 -8.33 -9.14
CA VAL A 110 -22.68 -8.30 -9.16
C VAL A 110 -23.46 -8.52 -7.86
N ARG A 111 -24.73 -8.10 -7.84
CA ARG A 111 -25.58 -8.36 -6.71
C ARG A 111 -25.66 -9.86 -6.41
N GLY A 112 -25.89 -10.66 -7.45
CA GLY A 112 -25.96 -12.10 -7.30
C GLY A 112 -24.66 -12.72 -6.80
N ILE A 113 -23.54 -12.21 -7.28
CA ILE A 113 -22.22 -12.68 -6.81
C ILE A 113 -22.09 -12.50 -5.30
N MET A 114 -22.47 -11.33 -4.82
CA MET A 114 -22.52 -11.05 -3.39
C MET A 114 -23.52 -11.94 -2.65
N GLN A 115 -24.75 -11.98 -3.15
CA GLN A 115 -25.86 -12.71 -2.54
C GLN A 115 -25.60 -14.20 -2.37
N LYS A 116 -25.07 -14.81 -3.41
CA LYS A 116 -24.86 -16.26 -3.48
C LYS A 116 -23.47 -16.69 -3.01
N SER A 117 -22.58 -15.72 -2.86
CA SER A 117 -21.16 -15.96 -2.59
C SER A 117 -20.46 -16.73 -3.72
N SER A 118 -20.48 -16.15 -4.91
CA SER A 118 -19.84 -16.77 -6.06
C SER A 118 -18.33 -16.55 -6.06
N ASN A 119 -17.60 -17.62 -5.79
CA ASN A 119 -16.16 -17.59 -5.93
C ASN A 119 -15.77 -17.33 -7.38
N VAL A 120 -16.53 -17.92 -8.32
CA VAL A 120 -16.20 -17.77 -9.73
C VAL A 120 -16.33 -16.29 -10.13
N GLY A 121 -17.49 -15.69 -9.81
CA GLY A 121 -17.73 -14.29 -10.10
C GLY A 121 -16.69 -13.34 -9.53
N THR A 122 -16.37 -13.53 -8.26
CA THR A 122 -15.39 -12.67 -7.61
C THR A 122 -14.01 -12.81 -8.26
N SER A 123 -13.62 -14.03 -8.60
CA SER A 123 -12.32 -14.27 -9.22
C SER A 123 -12.20 -13.56 -10.57
N LYS A 124 -13.29 -13.53 -11.32
CA LYS A 124 -13.29 -12.87 -12.62
C LYS A 124 -13.16 -11.36 -12.47
N LEU A 125 -13.79 -10.80 -11.45
CA LEU A 125 -13.64 -9.37 -11.20
C LEU A 125 -12.22 -9.03 -10.76
N SER A 126 -11.68 -9.81 -9.83
CA SER A 126 -10.27 -9.67 -9.42
C SER A 126 -9.30 -9.76 -10.60
N ALA A 127 -9.57 -10.68 -11.53
CA ALA A 127 -8.67 -10.93 -12.65
C ALA A 127 -8.61 -9.77 -13.65
N ARG A 128 -9.52 -8.80 -13.53
CA ARG A 128 -9.48 -7.59 -14.35
C ARG A 128 -8.45 -6.59 -13.86
N PHE A 129 -7.82 -6.88 -12.72
CA PHE A 129 -6.74 -6.09 -12.18
C PHE A 129 -5.44 -6.86 -12.24
N GLY A 130 -4.33 -6.13 -12.31
CA GLY A 130 -3.02 -6.75 -12.26
C GLY A 130 -2.71 -7.21 -10.86
N ALA A 131 -1.76 -8.14 -10.76
CA ALA A 131 -1.37 -8.70 -9.49
C ALA A 131 -0.85 -7.64 -8.50
N GLU A 132 0.06 -6.78 -8.95
CA GLU A 132 0.59 -5.73 -8.08
C GLU A 132 -0.51 -4.77 -7.58
N GLU A 133 -1.46 -4.44 -8.45
CA GLU A 133 -2.61 -3.61 -8.06
C GLU A 133 -3.41 -4.25 -6.94
N MET A 134 -3.65 -5.54 -7.04
CA MET A 134 -4.43 -6.25 -6.03
C MET A 134 -3.65 -6.36 -4.73
N TYR A 135 -2.35 -6.63 -4.84
CA TYR A 135 -1.48 -6.65 -3.69
C TYR A 135 -1.52 -5.33 -2.92
N ASP A 136 -1.40 -4.22 -3.62
CA ASP A 136 -1.43 -2.91 -2.97
C ASP A 136 -2.81 -2.68 -2.32
N PHE A 137 -3.86 -3.13 -3.00
CA PHE A 137 -5.23 -3.01 -2.48
C PHE A 137 -5.38 -3.76 -1.16
N TYR A 138 -4.93 -5.02 -1.12
CA TYR A 138 -5.04 -5.80 0.11
C TYR A 138 -4.21 -5.14 1.23
N HIS A 139 -3.05 -4.61 0.87
CA HIS A 139 -2.21 -3.94 1.86
C HIS A 139 -2.88 -2.67 2.37
N GLU A 140 -3.61 -1.97 1.50
CA GLU A 140 -4.30 -0.77 1.90
C GLU A 140 -5.49 -1.04 2.81
N LEU A 141 -6.09 -2.24 2.68
CA LEU A 141 -7.14 -2.67 3.61
C LEU A 141 -6.56 -2.95 4.99
N GLY A 142 -5.23 -3.03 5.08
CA GLY A 142 -4.55 -3.26 6.35
C GLY A 142 -4.00 -4.66 6.55
N ILE A 143 -4.07 -5.50 5.51
CA ILE A 143 -3.58 -6.85 5.61
C ILE A 143 -2.06 -6.84 5.60
N GLY A 144 -1.48 -7.43 6.65
CA GLY A 144 -0.04 -7.38 6.87
C GLY A 144 0.41 -6.16 7.64
N VAL A 145 -0.53 -5.31 8.08
CA VAL A 145 -0.21 -4.08 8.78
C VAL A 145 -0.76 -4.18 10.22
N ARG A 146 0.15 -4.34 11.18
CA ARG A 146 -0.23 -4.48 12.61
C ARG A 146 -1.03 -3.31 13.12
N MET A 147 -1.95 -3.60 14.02
CA MET A 147 -2.82 -2.59 14.60
C MET A 147 -2.12 -1.83 15.73
N HIS A 148 -1.04 -2.38 16.29
CA HIS A 148 -0.43 -1.83 17.52
C HIS A 148 -1.49 -1.53 18.59
N SER A 149 -2.29 -2.56 18.88
CA SER A 149 -3.37 -2.47 19.86
C SER A 149 -2.85 -2.37 21.29
N GLY A 150 -1.64 -2.85 21.54
CA GLY A 150 -1.08 -2.94 22.89
C GLY A 150 -1.14 -4.35 23.47
N PHE A 151 -1.97 -5.21 22.88
CA PHE A 151 -2.14 -6.57 23.35
C PHE A 151 -0.93 -7.42 22.97
N PRO A 152 -0.39 -8.20 23.93
CA PRO A 152 0.75 -9.06 23.61
C PRO A 152 0.37 -10.19 22.66
N GLY A 153 1.31 -10.53 21.77
CA GLY A 153 1.08 -11.59 20.78
C GLY A 153 0.21 -11.17 19.62
N GLU A 154 -0.04 -9.88 19.49
CA GLU A 154 -0.83 -9.32 18.39
C GLU A 154 -0.23 -9.71 17.05
N THR A 155 -1.09 -10.10 16.11
CA THR A 155 -0.61 -10.48 14.77
C THR A 155 -0.66 -9.33 13.76
N ALA A 156 0.24 -9.38 12.78
CA ALA A 156 0.23 -8.46 11.63
C ALA A 156 -0.64 -8.99 10.51
N GLY A 157 -0.92 -10.29 10.53
CA GLY A 157 -1.49 -10.97 9.37
C GLY A 157 -0.41 -11.28 8.36
N LEU A 158 -0.82 -11.70 7.16
CA LEU A 158 0.10 -12.15 6.13
C LEU A 158 -0.43 -11.81 4.74
N LEU A 159 0.40 -11.11 3.98
CA LEU A 159 0.12 -10.80 2.57
C LEU A 159 1.38 -11.15 1.79
N ARG A 160 1.29 -12.20 0.97
CA ARG A 160 2.45 -12.65 0.21
C ARG A 160 2.84 -11.61 -0.85
N ASN A 161 4.14 -11.40 -1.00
CA ASN A 161 4.68 -10.51 -2.04
C ASN A 161 4.12 -10.88 -3.43
N TRP A 162 3.57 -9.89 -4.13
CA TRP A 162 2.95 -10.13 -5.44
C TRP A 162 3.86 -10.77 -6.48
N ARG A 163 5.17 -10.55 -6.36
CA ARG A 163 6.10 -11.11 -7.33
C ARG A 163 6.15 -12.63 -7.26
N ARG A 164 5.72 -13.20 -6.12
CA ARG A 164 5.64 -14.63 -5.93
C ARG A 164 4.33 -15.29 -6.35
N TRP A 165 3.31 -14.50 -6.69
CA TRP A 165 1.97 -15.05 -6.97
C TRP A 165 1.90 -15.80 -8.29
N ARG A 166 1.32 -16.99 -8.27
CA ARG A 166 0.85 -17.64 -9.49
C ARG A 166 -0.46 -17.00 -9.92
N PRO A 167 -0.86 -17.16 -11.20
CA PRO A 167 -2.11 -16.51 -11.60
C PRO A 167 -3.31 -17.11 -10.87
N ILE A 168 -3.24 -18.42 -10.58
CA ILE A 168 -4.31 -19.04 -9.78
C ILE A 168 -4.40 -18.41 -8.40
N GLU A 169 -3.27 -17.99 -7.84
CA GLU A 169 -3.25 -17.45 -6.48
C GLU A 169 -4.00 -16.15 -6.36
N GLN A 170 -3.87 -15.28 -7.35
CA GLN A 170 -4.65 -14.04 -7.31
C GLN A 170 -6.13 -14.41 -7.29
N ALA A 171 -6.54 -15.38 -8.10
CA ALA A 171 -7.92 -15.82 -8.13
C ALA A 171 -8.39 -16.37 -6.78
N THR A 172 -7.60 -17.25 -6.14
CA THR A 172 -8.05 -17.87 -4.90
C THR A 172 -8.00 -16.88 -3.73
N MET A 173 -7.14 -15.87 -3.82
CA MET A 173 -7.10 -14.80 -2.83
C MET A 173 -8.38 -13.98 -2.85
N SER A 174 -8.98 -13.83 -4.03
CA SER A 174 -10.21 -13.06 -4.15
C SER A 174 -11.42 -13.67 -3.43
N PHE A 175 -11.37 -14.97 -3.12
CA PHE A 175 -12.35 -15.60 -2.23
C PHE A 175 -11.71 -16.09 -0.93
N GLY A 176 -10.56 -15.50 -0.63
CA GLY A 176 -10.04 -15.46 0.71
C GLY A 176 -9.10 -16.55 1.15
N TYR A 177 -8.56 -17.32 0.20
CA TYR A 177 -7.46 -18.25 0.52
C TYR A 177 -6.15 -17.47 0.56
N GLY A 178 -5.22 -17.89 1.41
CA GLY A 178 -3.85 -17.38 1.35
C GLY A 178 -3.63 -16.11 2.16
N LEU A 179 -4.56 -15.17 2.07
CA LEU A 179 -4.55 -13.96 2.89
C LEU A 179 -4.79 -14.35 4.32
N GLN A 180 -4.11 -13.69 5.26
CA GLN A 180 -4.37 -13.90 6.68
C GLN A 180 -4.41 -12.58 7.44
N LEU A 181 -5.38 -12.50 8.35
CA LEU A 181 -5.57 -11.31 9.19
C LEU A 181 -6.36 -11.69 10.43
N SER A 182 -6.29 -10.86 11.46
CA SER A 182 -7.06 -11.10 12.67
C SER A 182 -8.51 -10.68 12.42
N LEU A 183 -9.42 -11.16 13.26
CA LEU A 183 -10.82 -10.69 13.15
C LEU A 183 -10.92 -9.18 13.37
N LEU A 184 -10.07 -8.62 14.24
CA LEU A 184 -10.06 -7.17 14.42
C LEU A 184 -9.65 -6.42 13.15
N GLN A 185 -8.61 -6.92 12.46
CA GLN A 185 -8.18 -6.34 11.19
C GLN A 185 -9.28 -6.48 10.14
N LEU A 186 -9.97 -7.61 10.14
CA LEU A 186 -11.06 -7.81 9.17
C LEU A 186 -12.25 -6.90 9.45
N ALA A 187 -12.66 -6.81 10.71
CA ALA A 187 -13.73 -5.89 11.09
C ALA A 187 -13.37 -4.45 10.75
N ARG A 188 -12.11 -4.07 10.97
CA ARG A 188 -11.66 -2.74 10.61
C ARG A 188 -11.91 -2.45 9.14
N ALA A 189 -11.59 -3.40 8.28
CA ALA A 189 -11.74 -3.22 6.84
C ALA A 189 -13.17 -2.82 6.49
N TYR A 190 -14.14 -3.39 7.20
CA TYR A 190 -15.56 -3.07 6.97
C TYR A 190 -15.89 -1.61 7.24
N THR A 191 -15.05 -0.89 8.00
CA THR A 191 -15.26 0.55 8.16
C THR A 191 -15.16 1.31 6.84
N ALA A 192 -14.42 0.79 5.86
CA ALA A 192 -14.36 1.43 4.54
C ALA A 192 -15.73 1.42 3.87
N LEU A 193 -16.53 0.39 4.15
CA LEU A 193 -17.88 0.31 3.59
C LEU A 193 -18.89 1.15 4.36
N THR A 194 -18.75 1.21 5.68
CA THR A 194 -19.73 1.91 6.52
C THR A 194 -19.47 3.41 6.58
N HIS A 195 -18.19 3.79 6.62
CA HIS A 195 -17.79 5.19 6.73
C HIS A 195 -17.54 5.81 5.32
N ASP A 196 -18.48 5.52 4.40
CA ASP A 196 -18.56 6.19 3.09
C ASP A 196 -17.27 6.14 2.26
N GLY A 197 -16.62 4.98 2.26
CA GLY A 197 -15.41 4.77 1.48
C GLY A 197 -14.10 4.98 2.21
N VAL A 198 -14.16 5.48 3.43
CA VAL A 198 -12.96 5.88 4.18
C VAL A 198 -12.69 4.91 5.31
N LEU A 199 -11.55 4.23 5.21
CA LEU A 199 -11.11 3.31 6.24
C LEU A 199 -10.76 4.08 7.50
N LEU A 200 -11.24 3.58 8.64
CA LEU A 200 -10.93 4.17 9.95
C LEU A 200 -9.86 3.36 10.67
N PRO A 201 -9.08 4.01 11.54
CA PRO A 201 -7.98 3.29 12.20
C PRO A 201 -8.42 2.34 13.34
N LEU A 202 -9.61 2.57 13.88
CA LEU A 202 -10.11 1.96 15.12
C LEU A 202 -9.49 2.63 16.35
N SER A 203 -10.27 2.66 17.42
CA SER A 203 -9.89 3.37 18.64
CA SER A 203 -9.84 3.32 18.65
C SER A 203 -10.37 2.63 19.88
N PHE A 204 -9.55 2.63 20.94
CA PHE A 204 -9.95 2.11 22.23
C PHE A 204 -10.46 3.23 23.16
N GLU A 205 -10.59 4.45 22.65
CA GLU A 205 -11.23 5.54 23.38
C GLU A 205 -12.31 6.14 22.52
N LYS A 206 -13.31 6.72 23.17
CA LYS A 206 -14.40 7.42 22.46
C LYS A 206 -13.85 8.63 21.69
N GLN A 207 -14.29 8.77 20.45
CA GLN A 207 -13.79 9.82 19.57
C GLN A 207 -14.85 10.90 19.40
N ALA A 208 -14.47 12.16 19.58
CA ALA A 208 -15.43 13.28 19.47
C ALA A 208 -15.70 13.67 18.01
N VAL A 209 -14.81 13.22 17.13
CA VAL A 209 -14.98 13.37 15.69
C VAL A 209 -14.25 12.22 15.03
N ALA A 210 -14.64 11.84 13.82
CA ALA A 210 -13.99 10.72 13.13
C ALA A 210 -12.51 11.02 12.96
N PRO A 211 -11.64 10.08 13.39
CA PRO A 211 -10.22 10.32 13.18
C PRO A 211 -9.85 10.33 11.72
N GLN A 212 -8.63 10.83 11.48
CA GLN A 212 -8.03 10.82 10.18
C GLN A 212 -8.00 9.39 9.66
N GLY A 213 -8.63 9.20 8.50
CA GLY A 213 -8.62 7.90 7.86
C GLY A 213 -7.93 7.95 6.52
N LYS A 214 -8.35 7.07 5.63
CA LYS A 214 -7.71 6.92 4.31
C LYS A 214 -8.81 6.48 3.35
N ARG A 215 -9.00 7.19 2.23
CA ARG A 215 -10.05 6.77 1.28
C ARG A 215 -9.64 5.54 0.48
N ILE A 216 -10.51 4.54 0.48
CA ILE A 216 -10.36 3.34 -0.33
C ILE A 216 -11.32 3.34 -1.52
N PHE A 217 -12.54 3.80 -1.30
CA PHE A 217 -13.59 3.80 -2.33
C PHE A 217 -14.26 5.16 -2.38
N LYS A 218 -14.86 5.50 -3.51
CA LYS A 218 -15.76 6.66 -3.57
C LYS A 218 -16.95 6.42 -2.63
N GLU A 219 -17.49 7.51 -2.08
CA GLU A 219 -18.71 7.42 -1.28
C GLU A 219 -19.85 6.70 -2.01
N SER A 220 -20.03 7.00 -3.28
CA SER A 220 -21.10 6.39 -4.07
C SER A 220 -20.92 4.87 -4.19
N THR A 221 -19.68 4.43 -4.34
CA THR A 221 -19.38 3.00 -4.40
C THR A 221 -19.74 2.31 -3.09
N ALA A 222 -19.31 2.90 -1.99
CA ALA A 222 -19.59 2.36 -0.67
C ALA A 222 -21.10 2.24 -0.44
N ARG A 223 -21.83 3.29 -0.79
CA ARG A 223 -23.28 3.28 -0.62
C ARG A 223 -23.94 2.18 -1.47
N GLU A 224 -23.51 2.02 -2.72
CA GLU A 224 -24.08 1.00 -3.60
C GLU A 224 -23.73 -0.40 -3.09
N VAL A 225 -22.51 -0.57 -2.60
CA VAL A 225 -22.11 -1.87 -2.09
C VAL A 225 -22.89 -2.24 -0.82
N ARG A 226 -23.09 -1.29 0.09
CA ARG A 226 -23.92 -1.56 1.26
C ARG A 226 -25.31 -2.06 0.86
N ASN A 227 -25.89 -1.43 -0.16
CA ASN A 227 -27.20 -1.87 -0.64
C ASN A 227 -27.16 -3.31 -1.23
N LEU A 228 -26.10 -3.64 -1.96
CA LEU A 228 -25.91 -5.02 -2.48
C LEU A 228 -25.85 -6.03 -1.33
N MET A 229 -25.15 -5.68 -0.27
CA MET A 229 -24.96 -6.56 0.87
C MET A 229 -26.24 -6.85 1.67
N VAL A 230 -27.27 -6.02 1.51
CA VAL A 230 -28.56 -6.32 2.14
C VAL A 230 -29.16 -7.60 1.52
N SER A 231 -28.82 -7.89 0.26
CA SER A 231 -29.26 -9.13 -0.39
C SER A 231 -28.84 -10.41 0.35
N VAL A 232 -27.72 -10.34 1.06
CA VAL A 232 -27.21 -11.48 1.81
C VAL A 232 -28.16 -11.91 2.96
N THR A 233 -28.91 -10.98 3.53
CA THR A 233 -29.76 -11.25 4.69
C THR A 233 -31.24 -11.36 4.33
N GLU A 234 -31.53 -11.27 3.04
CA GLU A 234 -32.91 -11.37 2.54
C GLU A 234 -33.07 -12.70 1.80
N PRO A 235 -34.32 -13.17 1.66
CA PRO A 235 -34.50 -14.44 0.95
C PRO A 235 -33.72 -14.50 -0.36
N GLY A 236 -33.03 -15.62 -0.58
CA GLY A 236 -32.15 -15.78 -1.72
C GLY A 236 -30.67 -15.66 -1.34
N GLY A 237 -30.39 -15.02 -0.22
CA GLY A 237 -29.01 -14.83 0.23
C GLY A 237 -28.53 -15.97 1.11
N THR A 238 -27.22 -16.03 1.29
CA THR A 238 -26.61 -17.03 2.16
C THR A 238 -26.83 -16.77 3.66
N GLY A 239 -27.15 -15.52 4.03
CA GLY A 239 -27.12 -15.12 5.43
C GLY A 239 -28.44 -14.66 6.02
N THR A 240 -29.53 -15.28 5.61
CA THR A 240 -30.85 -14.92 6.16
C THR A 240 -30.97 -15.12 7.66
N ALA A 241 -30.16 -16.00 8.23
CA ALA A 241 -30.16 -16.22 9.68
C ALA A 241 -29.70 -15.00 10.48
N GLY A 242 -28.98 -14.09 9.83
CA GLY A 242 -28.50 -12.86 10.44
C GLY A 242 -29.40 -11.63 10.31
N ALA A 243 -30.56 -11.79 9.67
CA ALA A 243 -31.52 -10.69 9.59
C ALA A 243 -32.00 -10.26 10.98
N VAL A 244 -32.21 -8.96 11.15
CA VAL A 244 -32.57 -8.39 12.46
C VAL A 244 -33.91 -7.67 12.35
N ASP A 245 -34.83 -7.99 13.25
CA ASP A 245 -36.16 -7.38 13.26
C ASP A 245 -36.05 -5.84 13.33
N GLY A 246 -36.75 -5.15 12.45
CA GLY A 246 -36.79 -3.68 12.49
C GLY A 246 -35.76 -2.96 11.64
N PHE A 247 -34.81 -3.71 11.07
CA PHE A 247 -33.67 -3.11 10.35
C PHE A 247 -33.38 -3.84 9.04
N ASP A 248 -32.73 -3.12 8.13
CA ASP A 248 -32.07 -3.74 7.01
C ASP A 248 -30.61 -3.92 7.38
N VAL A 249 -30.09 -5.12 7.14
CA VAL A 249 -28.73 -5.48 7.53
C VAL A 249 -27.91 -5.82 6.30
N GLY A 250 -26.80 -5.11 6.10
CA GLY A 250 -25.83 -5.48 5.08
C GLY A 250 -24.82 -6.43 5.71
N ALA A 251 -24.56 -7.57 5.06
CA ALA A 251 -23.68 -8.58 5.64
C ALA A 251 -22.96 -9.41 4.60
N LYS A 252 -21.99 -10.19 5.07
CA LYS A 252 -21.37 -11.20 4.23
C LYS A 252 -21.04 -12.42 5.08
N THR A 253 -21.35 -13.59 4.52
CA THR A 253 -21.03 -14.88 5.11
C THR A 253 -19.67 -15.36 4.64
N GLY A 254 -19.08 -16.23 5.44
CA GLY A 254 -17.89 -16.95 5.04
C GLY A 254 -17.88 -18.34 5.61
N THR A 255 -17.47 -19.28 4.80
CA THR A 255 -17.27 -20.67 5.22
C THR A 255 -15.93 -21.09 4.65
N ALA A 256 -14.94 -21.27 5.52
CA ALA A 256 -13.55 -21.50 5.09
C ALA A 256 -13.09 -22.90 5.53
N ARG A 257 -12.55 -23.66 4.58
CA ARG A 257 -11.94 -24.93 4.92
C ARG A 257 -10.73 -24.63 5.83
N LYS A 258 -10.64 -25.39 6.90
CA LYS A 258 -9.51 -25.27 7.82
C LYS A 258 -8.30 -25.96 7.23
N PHE A 259 -7.13 -25.40 7.46
CA PHE A 259 -5.86 -25.99 7.04
C PHE A 259 -5.31 -26.79 8.22
N VAL A 260 -5.28 -28.11 8.05
CA VAL A 260 -4.93 -29.06 9.11
C VAL A 260 -3.98 -30.12 8.55
N ASN A 261 -2.87 -30.34 9.23
CA ASN A 261 -1.87 -31.35 8.81
C ASN A 261 -1.41 -31.18 7.36
N GLY A 262 -1.10 -29.94 7.00
CA GLY A 262 -0.54 -29.60 5.68
C GLY A 262 -1.49 -29.61 4.49
N ARG A 263 -2.80 -29.63 4.75
CA ARG A 263 -3.79 -29.63 3.67
C ARG A 263 -5.11 -28.99 4.12
N TYR A 264 -5.87 -28.47 3.17
CA TYR A 264 -7.18 -27.96 3.47
C TYR A 264 -8.11 -29.16 3.73
N ALA A 265 -8.84 -29.10 4.82
CA ALA A 265 -9.78 -30.17 5.19
C ALA A 265 -11.14 -29.92 4.53
N ASP A 266 -11.75 -30.97 4.00
CA ASP A 266 -13.05 -30.82 3.35
C ASP A 266 -14.21 -30.84 4.33
N ASN A 267 -13.98 -31.35 5.53
CA ASN A 267 -15.02 -31.55 6.54
C ASN A 267 -14.67 -30.88 7.89
N LYS A 268 -13.82 -29.85 7.85
CA LYS A 268 -13.58 -28.99 9.02
C LYS A 268 -13.53 -27.55 8.53
N HIS A 269 -14.31 -26.69 9.17
CA HIS A 269 -14.49 -25.32 8.69
C HIS A 269 -14.45 -24.26 9.77
N VAL A 270 -14.22 -23.02 9.34
CA VAL A 270 -14.41 -21.85 10.17
C VAL A 270 -15.59 -21.07 9.57
N ALA A 271 -16.57 -20.76 10.41
CA ALA A 271 -17.83 -20.10 10.00
C ALA A 271 -17.74 -18.64 10.42
N THR A 272 -17.95 -17.73 9.46
CA THR A 272 -17.84 -16.30 9.71
C THR A 272 -19.09 -15.57 9.23
N PHE A 273 -19.48 -14.54 9.97
CA PHE A 273 -20.56 -13.65 9.59
C PHE A 273 -20.21 -12.25 10.05
N ILE A 274 -20.15 -11.32 9.11
CA ILE A 274 -19.84 -9.92 9.41
C ILE A 274 -20.90 -9.03 8.77
N GLY A 275 -21.39 -8.07 9.53
CA GLY A 275 -22.45 -7.20 9.00
C GLY A 275 -22.56 -5.90 9.74
N PHE A 276 -23.44 -5.04 9.23
CA PHE A 276 -23.60 -3.69 9.75
C PHE A 276 -25.06 -3.29 9.60
N ALA A 277 -25.48 -2.38 10.47
CA ALA A 277 -26.85 -1.86 10.44
C ALA A 277 -26.88 -0.50 11.14
N PRO A 278 -27.87 0.35 10.87
CA PRO A 278 -28.80 0.23 9.74
C PRO A 278 -28.04 0.30 8.43
N ALA A 279 -28.40 -0.55 7.48
CA ALA A 279 -27.60 -0.72 6.29
C ALA A 279 -27.36 0.56 5.49
N LYS A 280 -28.38 1.42 5.35
CA LYS A 280 -28.23 2.65 4.58
C LYS A 280 -27.39 3.72 5.31
N ASN A 281 -27.45 3.74 6.64
CA ASN A 281 -26.80 4.75 7.48
C ASN A 281 -26.21 4.03 8.70
N PRO A 282 -25.12 3.28 8.48
CA PRO A 282 -24.72 2.32 9.52
C PRO A 282 -24.16 2.94 10.79
N ARG A 283 -24.49 2.30 11.90
CA ARG A 283 -24.08 2.70 13.23
C ARG A 283 -23.20 1.66 13.93
N VAL A 284 -23.38 0.38 13.58
CA VAL A 284 -22.68 -0.73 14.25
C VAL A 284 -22.21 -1.75 13.23
N ILE A 285 -21.00 -2.25 13.43
CA ILE A 285 -20.46 -3.43 12.76
C ILE A 285 -20.33 -4.56 13.77
N VAL A 286 -20.81 -5.75 13.41
CA VAL A 286 -20.62 -6.94 14.26
C VAL A 286 -19.95 -8.00 13.41
N ALA A 287 -18.82 -8.53 13.91
CA ALA A 287 -18.09 -9.61 13.26
C ALA A 287 -18.05 -10.83 14.18
N VAL A 288 -18.46 -11.97 13.65
CA VAL A 288 -18.49 -13.22 14.43
C VAL A 288 -17.75 -14.29 13.66
N THR A 289 -16.85 -15.01 14.34
CA THR A 289 -16.26 -16.19 13.76
CA THR A 289 -16.27 -16.22 13.76
C THR A 289 -16.36 -17.37 14.76
N ILE A 290 -16.70 -18.54 14.25
CA ILE A 290 -16.81 -19.77 15.05
C ILE A 290 -15.95 -20.86 14.40
N ASP A 291 -14.98 -21.34 15.16
CA ASP A 291 -13.94 -22.21 14.67
C ASP A 291 -14.32 -23.68 14.89
N GLU A 292 -14.41 -24.43 13.79
CA GLU A 292 -14.69 -25.88 13.80
C GLU A 292 -15.98 -26.30 14.53
N PRO A 293 -17.14 -25.79 14.08
CA PRO A 293 -18.39 -26.33 14.56
C PRO A 293 -18.51 -27.80 14.19
N THR A 294 -19.03 -28.60 15.11
CA THR A 294 -19.21 -30.03 14.88
C THR A 294 -20.67 -30.47 15.06
N ALA A 295 -21.54 -29.57 15.49
CA ALA A 295 -22.95 -29.87 15.65
C ALA A 295 -23.78 -28.76 15.03
N HIS A 296 -24.94 -29.13 14.48
CA HIS A 296 -25.90 -28.16 13.97
C HIS A 296 -25.36 -27.29 12.84
N GLY A 297 -24.51 -27.86 12.01
CA GLY A 297 -24.10 -27.24 10.75
C GLY A 297 -22.73 -26.58 10.81
N TYR A 298 -22.31 -26.07 9.67
CA TYR A 298 -21.01 -25.42 9.57
C TYR A 298 -20.94 -24.20 8.66
N TYR A 299 -22.01 -23.90 7.91
CA TYR A 299 -21.98 -22.74 7.02
C TYR A 299 -21.97 -21.46 7.85
N GLY A 300 -21.25 -20.45 7.37
CA GLY A 300 -21.20 -19.16 8.04
C GLY A 300 -22.56 -18.61 8.40
N GLY A 301 -23.49 -18.65 7.44
CA GLY A 301 -24.83 -18.13 7.68
C GLY A 301 -25.55 -18.86 8.80
N VAL A 302 -25.43 -20.18 8.80
CA VAL A 302 -26.17 -21.05 9.72
C VAL A 302 -25.60 -20.98 11.13
N VAL A 303 -24.29 -20.92 11.23
CA VAL A 303 -23.59 -21.01 12.50
C VAL A 303 -23.34 -19.63 13.14
N ALA A 304 -22.80 -18.70 12.36
CA ALA A 304 -22.43 -17.38 12.88
C ALA A 304 -23.53 -16.33 12.69
N GLY A 305 -24.49 -16.61 11.82
CA GLY A 305 -25.64 -15.72 11.64
C GLY A 305 -26.45 -15.51 12.91
N PRO A 306 -26.88 -16.60 13.57
CA PRO A 306 -27.72 -16.44 14.76
C PRO A 306 -27.09 -15.61 15.89
N PRO A 307 -25.82 -15.87 16.27
CA PRO A 307 -25.25 -14.96 17.25
C PRO A 307 -25.06 -13.51 16.74
N PHE A 308 -24.75 -13.35 15.46
CA PHE A 308 -24.69 -12.00 14.87
C PHE A 308 -26.03 -11.30 15.10
N LYS A 309 -27.12 -12.01 14.78
CA LYS A 309 -28.46 -11.45 14.92
C LYS A 309 -28.74 -10.97 16.34
N LYS A 310 -28.36 -11.77 17.33
CA LYS A 310 -28.63 -11.41 18.72
C LYS A 310 -27.76 -10.24 19.18
N ILE A 311 -26.49 -10.26 18.79
CA ILE A 311 -25.54 -9.24 19.20
C ILE A 311 -25.85 -7.90 18.51
N MET A 312 -26.21 -7.95 17.22
CA MET A 312 -26.52 -6.73 16.48
C MET A 312 -27.82 -6.11 16.98
N GLY A 313 -28.86 -6.94 17.11
CA GLY A 313 -30.15 -6.47 17.64
C GLY A 313 -30.01 -5.86 19.01
N GLY A 314 -29.26 -6.53 19.87
CA GLY A 314 -29.04 -6.04 21.22
C GLY A 314 -28.24 -4.76 21.24
N SER A 315 -27.23 -4.68 20.36
CA SER A 315 -26.34 -3.51 20.34
C SER A 315 -27.10 -2.28 19.87
N LEU A 316 -27.93 -2.45 18.84
CA LEU A 316 -28.73 -1.34 18.35
C LEU A 316 -29.64 -0.82 19.45
N ASN A 317 -30.27 -1.73 20.20
CA ASN A 317 -31.11 -1.34 21.33
C ASN A 317 -30.34 -0.62 22.43
N ILE A 318 -29.18 -1.17 22.79
CA ILE A 318 -28.33 -0.57 23.82
C ILE A 318 -27.93 0.86 23.44
N LEU A 319 -27.66 1.07 22.15
CA LEU A 319 -27.19 2.36 21.63
C LEU A 319 -28.33 3.33 21.32
N GLY A 320 -29.58 2.86 21.44
CA GLY A 320 -30.77 3.72 21.28
C GLY A 320 -31.08 4.03 19.84
N ILE A 321 -30.76 3.10 18.94
CA ILE A 321 -30.97 3.34 17.53
C ILE A 321 -32.36 2.84 17.15
N SER A 322 -33.13 3.72 16.52
CA SER A 322 -34.52 3.40 16.19
C SER A 322 -34.66 2.48 14.98
N PRO A 323 -35.55 1.47 15.08
CA PRO A 323 -35.87 0.67 13.89
C PRO A 323 -36.31 1.53 12.72
N THR A 324 -35.96 1.09 11.53
CA THR A 324 -36.31 1.78 10.29
C THR A 324 -37.55 1.20 9.63
N LYS A 325 -38.03 0.07 10.14
CA LYS A 325 -39.27 -0.52 9.65
C LYS A 325 -40.01 -1.18 10.80
N PRO A 326 -41.32 -1.46 10.64
CA PRO A 326 -42.05 -2.02 11.77
C PRO A 326 -41.49 -3.36 12.25
N LEU A 327 -41.55 -3.55 13.56
CA LEU A 327 -41.18 -4.81 14.17
C LEU A 327 -42.27 -5.84 13.89
N THR A 328 -41.87 -7.08 13.69
CA THR A 328 -42.84 -8.17 13.49
C THR A 328 -42.60 -9.36 14.43
N ALA A 329 -41.58 -9.31 15.28
CA ALA A 329 -41.29 -10.41 16.20
C ALA A 329 -41.62 -10.05 17.65
N GLY B 3 14.32 -11.29 -25.94
CA GLY B 3 13.33 -12.03 -25.13
C GLY B 3 13.96 -13.22 -24.41
N GLY B 4 14.54 -12.95 -23.24
CA GLY B 4 15.20 -13.99 -22.44
C GLY B 4 16.71 -13.83 -22.36
N ALA B 5 17.24 -12.82 -23.04
CA ALA B 5 18.65 -12.46 -22.93
C ALA B 5 18.80 -11.42 -21.82
N LEU B 6 20.00 -11.35 -21.26
CA LEU B 6 20.31 -10.34 -20.25
C LEU B 6 20.16 -8.94 -20.80
N SER B 7 19.60 -8.03 -20.00
CA SER B 7 19.42 -6.64 -20.42
C SER B 7 20.67 -5.82 -20.22
N LEU B 8 21.61 -6.28 -19.39
CA LEU B 8 22.82 -5.50 -19.12
C LEU B 8 23.56 -5.17 -20.41
N ASP B 9 23.88 -3.89 -20.61
CA ASP B 9 24.61 -3.42 -21.79
C ASP B 9 26.08 -3.30 -21.42
N GLN B 10 26.91 -4.13 -22.04
CA GLN B 10 28.31 -4.25 -21.65
C GLN B 10 29.08 -2.92 -21.67
N ARG B 11 28.79 -2.08 -22.66
CA ARG B 11 29.47 -0.80 -22.79
C ARG B 11 29.05 0.14 -21.68
N ILE B 12 27.76 0.13 -21.35
CA ILE B 12 27.25 0.95 -20.25
C ILE B 12 27.77 0.46 -18.90
N GLN B 13 27.81 -0.86 -18.70
CA GLN B 13 28.35 -1.46 -17.47
C GLN B 13 29.81 -1.04 -17.24
N THR B 14 30.63 -1.15 -18.29
CA THR B 14 32.02 -0.75 -18.25
C THR B 14 32.16 0.74 -17.88
N LEU B 15 31.42 1.58 -18.59
CA LEU B 15 31.37 3.02 -18.32
C LEU B 15 30.98 3.32 -16.87
N ALA B 16 29.91 2.68 -16.40
CA ALA B 16 29.42 2.90 -15.06
C ALA B 16 30.46 2.53 -14.01
N TYR B 17 31.05 1.34 -14.17
CA TYR B 17 32.06 0.84 -13.23
C TYR B 17 33.28 1.76 -13.19
N GLU B 18 33.74 2.19 -14.36
CA GLU B 18 34.92 3.07 -14.48
C GLU B 18 34.69 4.44 -13.86
N GLU B 19 33.56 5.08 -14.21
CA GLU B 19 33.25 6.41 -13.66
C GLU B 19 32.96 6.35 -12.16
N LEU B 20 32.32 5.28 -11.69
CA LEU B 20 32.08 5.07 -10.26
C LEU B 20 33.40 5.00 -9.48
N ASN B 21 34.29 4.13 -9.92
CA ASN B 21 35.57 3.92 -9.23
C ASN B 21 36.40 5.21 -9.20
N LYS B 22 36.34 5.96 -10.28
CA LYS B 22 37.02 7.25 -10.39
C LYS B 22 36.51 8.28 -9.38
N ALA B 23 35.19 8.37 -9.23
CA ALA B 23 34.60 9.30 -8.28
C ALA B 23 34.91 8.87 -6.84
N VAL B 24 34.84 7.57 -6.58
CA VAL B 24 35.12 7.03 -5.25
C VAL B 24 36.57 7.30 -4.86
N GLU B 25 37.48 7.12 -5.82
CA GLU B 25 38.90 7.38 -5.57
C GLU B 25 39.13 8.87 -5.32
N TYR B 26 38.61 9.71 -6.22
CA TYR B 26 38.80 11.15 -6.11
C TYR B 26 38.32 11.72 -4.77
N HIS B 27 37.13 11.29 -4.34
CA HIS B 27 36.57 11.75 -3.06
C HIS B 27 36.98 10.90 -1.87
N GLN B 28 37.85 9.91 -2.13
CA GLN B 28 38.32 9.00 -1.09
CA GLN B 28 38.33 8.99 -1.11
C GLN B 28 37.17 8.46 -0.25
N ALA B 29 36.15 7.96 -0.94
CA ALA B 29 34.94 7.46 -0.31
C ALA B 29 35.09 6.01 0.11
N LYS B 30 34.21 5.57 1.00
CA LYS B 30 34.19 4.18 1.46
C LYS B 30 33.75 3.22 0.37
N ALA B 31 32.74 3.63 -0.39
CA ALA B 31 32.16 2.77 -1.41
C ALA B 31 31.19 3.58 -2.27
N GLY B 32 30.66 2.94 -3.30
CA GLY B 32 29.70 3.60 -4.18
C GLY B 32 28.92 2.60 -4.98
N THR B 33 27.83 3.05 -5.60
CA THR B 33 26.97 2.18 -6.38
C THR B 33 26.34 2.98 -7.52
N VAL B 34 26.07 2.31 -8.64
CA VAL B 34 25.39 2.90 -9.80
C VAL B 34 24.37 1.93 -10.35
N VAL B 35 23.21 2.47 -10.71
CA VAL B 35 22.19 1.75 -11.46
C VAL B 35 21.86 2.58 -12.70
N VAL B 36 21.83 1.92 -13.87
CA VAL B 36 21.34 2.54 -15.10
C VAL B 36 20.16 1.71 -15.61
N LEU B 37 19.05 2.38 -15.90
CA LEU B 37 17.86 1.75 -16.41
C LEU B 37 17.42 2.36 -17.74
N ASP B 38 16.79 1.53 -18.55
CA ASP B 38 15.96 2.02 -19.64
C ASP B 38 14.71 2.63 -18.98
N ALA B 39 14.46 3.90 -19.25
CA ALA B 39 13.42 4.67 -18.58
C ALA B 39 12.02 4.32 -19.08
N ARG B 40 11.92 3.63 -20.21
CA ARG B 40 10.62 3.27 -20.76
C ARG B 40 10.23 1.82 -20.53
N THR B 41 11.21 0.94 -20.34
CA THR B 41 10.93 -0.50 -20.19
C THR B 41 11.32 -1.06 -18.81
N GLY B 42 12.13 -0.33 -18.07
CA GLY B 42 12.59 -0.80 -16.77
C GLY B 42 13.69 -1.84 -16.87
N GLU B 43 14.19 -2.08 -18.09
CA GLU B 43 15.31 -2.97 -18.26
C GLU B 43 16.53 -2.40 -17.55
N ILE B 44 17.27 -3.27 -16.89
CA ILE B 44 18.43 -2.84 -16.12
C ILE B 44 19.66 -2.93 -17.03
N LEU B 45 20.25 -1.78 -17.35
CA LEU B 45 21.35 -1.70 -18.30
C LEU B 45 22.72 -1.81 -17.66
N ALA B 46 22.82 -1.43 -16.40
CA ALA B 46 24.08 -1.51 -15.68
C ALA B 46 23.80 -1.52 -14.20
N LEU B 47 24.63 -2.28 -13.47
CA LEU B 47 24.54 -2.39 -12.04
C LEU B 47 26.00 -2.52 -11.56
N ALA B 48 26.54 -1.42 -11.05
CA ALA B 48 27.97 -1.33 -10.73
C ALA B 48 28.17 -1.05 -9.26
N ASN B 49 29.18 -1.68 -8.68
CA ASN B 49 29.51 -1.50 -7.29
C ASN B 49 31.02 -1.40 -7.18
N THR B 50 31.46 -0.79 -6.10
CA THR B 50 32.87 -0.83 -5.74
C THR B 50 33.16 -2.24 -5.22
N PRO B 51 34.45 -2.64 -5.22
CA PRO B 51 34.78 -3.98 -4.78
C PRO B 51 34.11 -4.33 -3.45
N GLY B 52 33.63 -5.56 -3.35
CA GLY B 52 32.82 -6.01 -2.23
C GLY B 52 31.46 -6.43 -2.75
N ARG B 53 30.52 -6.61 -1.83
CA ARG B 53 29.18 -7.10 -2.14
C ARG B 53 28.40 -6.22 -3.12
N ASN B 54 27.29 -6.76 -3.61
CA ASN B 54 26.43 -6.08 -4.57
C ASN B 54 25.50 -5.12 -3.81
N ARG B 55 26.10 -4.02 -3.37
CA ARG B 55 25.44 -3.02 -2.54
C ARG B 55 24.17 -2.46 -3.19
N ALA B 56 24.17 -2.36 -4.52
CA ALA B 56 23.02 -1.88 -5.28
C ALA B 56 21.72 -2.57 -4.90
N VAL B 57 21.81 -3.85 -4.57
CA VAL B 57 20.62 -4.64 -4.22
C VAL B 57 20.58 -5.10 -2.76
N THR B 58 21.74 -5.24 -2.12
CA THR B 58 21.79 -5.81 -0.76
C THR B 58 21.67 -4.77 0.35
N ASP B 59 22.14 -3.55 0.07
CA ASP B 59 22.27 -2.53 1.09
C ASP B 59 21.09 -1.58 1.05
N MET B 60 20.42 -1.41 2.19
CA MET B 60 19.38 -0.41 2.28
C MET B 60 19.98 0.91 2.77
N ILE B 61 19.67 1.98 2.05
CA ILE B 61 20.10 3.33 2.38
C ILE B 61 18.86 4.15 2.64
N GLU B 62 19.02 5.30 3.27
CA GLU B 62 17.92 6.27 3.33
C GLU B 62 17.87 7.02 2.01
N PRO B 63 16.64 7.28 1.50
CA PRO B 63 16.58 7.94 0.21
C PRO B 63 16.98 9.41 0.28
N GLY B 64 16.92 9.99 1.49
CA GLY B 64 17.19 11.40 1.68
C GLY B 64 16.32 12.21 0.74
N SER B 65 16.88 13.25 0.16
CA SER B 65 16.10 14.16 -0.67
C SER B 65 15.68 13.57 -2.01
N ALA B 66 16.22 12.41 -2.35
CA ALA B 66 15.78 11.69 -3.56
C ALA B 66 14.33 11.23 -3.47
N ILE B 67 13.72 11.28 -2.28
CA ILE B 67 12.27 10.97 -2.14
C ILE B 67 11.39 12.14 -2.52
N LYS B 68 11.96 13.34 -2.53
CA LYS B 68 11.14 14.55 -2.66
C LYS B 68 10.31 14.63 -3.93
N PRO B 69 10.88 14.20 -5.09
CA PRO B 69 10.02 14.29 -6.29
C PRO B 69 8.69 13.54 -6.16
N PHE B 70 8.69 12.45 -5.41
CA PHE B 70 7.48 11.64 -5.21
C PHE B 70 6.47 12.32 -4.28
N VAL B 71 6.97 12.97 -3.24
CA VAL B 71 6.12 13.73 -2.32
C VAL B 71 5.47 14.89 -3.07
N ILE B 72 6.25 15.63 -3.85
CA ILE B 72 5.73 16.73 -4.66
C ILE B 72 4.73 16.21 -5.69
N ALA B 73 5.07 15.11 -6.36
CA ALA B 73 4.18 14.50 -7.36
C ALA B 73 2.85 14.12 -6.74
N LYS B 74 2.90 13.51 -5.57
CA LYS B 74 1.68 13.09 -4.88
C LYS B 74 0.82 14.28 -4.53
N ALA B 75 1.44 15.33 -3.99
CA ALA B 75 0.69 16.54 -3.64
C ALA B 75 -0.02 17.14 -4.86
N LEU B 76 0.70 17.21 -5.98
CA LEU B 76 0.14 17.72 -7.22
C LEU B 76 -0.96 16.81 -7.75
N ASP B 77 -0.72 15.50 -7.70
CA ASP B 77 -1.66 14.50 -8.23
C ASP B 77 -3.00 14.51 -7.51
N ALA B 78 -2.94 14.68 -6.18
CA ALA B 78 -4.11 14.72 -5.31
C ALA B 78 -4.80 16.10 -5.28
N GLY B 79 -4.22 17.09 -5.96
CA GLY B 79 -4.76 18.44 -6.00
C GLY B 79 -4.58 19.21 -4.70
N LYS B 80 -3.62 18.80 -3.87
CA LYS B 80 -3.37 19.48 -2.60
C LYS B 80 -2.41 20.67 -2.75
N THR B 81 -1.77 20.77 -3.90
CA THR B 81 -1.05 21.98 -4.30
C THR B 81 -1.14 22.11 -5.81
N ASP B 82 -0.61 23.21 -6.34
CA ASP B 82 -0.47 23.43 -7.78
C ASP B 82 0.81 24.19 -8.11
N LEU B 83 1.04 24.46 -9.40
CA LEU B 83 2.27 25.11 -9.84
C LEU B 83 2.35 26.61 -9.51
N ASN B 84 1.23 27.21 -9.11
CA ASN B 84 1.16 28.63 -8.76
C ASN B 84 1.34 28.95 -7.28
N GLU B 85 1.03 27.99 -6.41
CA GLU B 85 1.04 28.25 -4.97
C GLU B 85 2.44 28.59 -4.48
N ARG B 86 2.53 29.65 -3.69
CA ARG B 86 3.76 29.98 -2.96
C ARG B 86 3.60 29.58 -1.50
N LEU B 87 4.44 28.65 -1.06
CA LEU B 87 4.36 28.14 0.29
C LEU B 87 5.25 29.00 1.18
N ASN B 88 4.78 29.22 2.41
CA ASN B 88 5.62 29.74 3.48
C ASN B 88 6.67 28.69 3.80
N THR B 89 7.95 29.00 3.56
CA THR B 89 9.01 28.03 3.78
C THR B 89 9.99 28.47 4.88
N GLN B 90 9.54 29.36 5.74
CA GLN B 90 10.30 29.74 6.94
C GLN B 90 10.51 28.51 7.81
N PRO B 91 11.69 28.42 8.45
CA PRO B 91 11.85 27.29 9.36
C PRO B 91 10.76 27.26 10.42
N TYR B 92 10.45 26.07 10.91
CA TYR B 92 9.44 25.92 11.95
C TYR B 92 9.77 24.74 12.84
N LYS B 93 8.96 24.58 13.88
CA LYS B 93 9.15 23.48 14.82
C LYS B 93 7.92 22.59 14.87
N ILE B 94 8.18 21.31 15.07
CA ILE B 94 7.14 20.35 15.39
C ILE B 94 7.51 19.90 16.80
N GLY B 95 6.80 20.47 17.78
CA GLY B 95 7.19 20.32 19.17
C GLY B 95 8.61 20.81 19.35
N PRO B 96 9.47 20.01 20.01
CA PRO B 96 10.86 20.42 20.18
C PRO B 96 11.72 20.28 18.92
N SER B 97 11.22 19.62 17.88
CA SER B 97 12.06 19.30 16.73
C SER B 97 11.99 20.36 15.62
N PRO B 98 13.15 20.92 15.23
CA PRO B 98 13.14 21.93 14.17
C PRO B 98 13.12 21.30 12.78
N VAL B 99 12.46 21.98 11.85
CA VAL B 99 12.52 21.62 10.43
C VAL B 99 13.02 22.86 9.73
N ARG B 100 14.18 22.75 9.09
CA ARG B 100 14.76 23.87 8.36
C ARG B 100 15.52 23.41 7.10
N ASP B 101 15.81 24.37 6.24
CA ASP B 101 16.54 24.14 4.99
C ASP B 101 17.99 24.56 5.20
N THR B 102 18.82 24.38 4.17
CA THR B 102 20.22 24.82 4.23
C THR B 102 20.31 26.35 4.33
N HIS B 103 19.36 27.03 3.70
CA HIS B 103 19.28 28.49 3.72
C HIS B 103 17.85 28.85 4.07
N VAL B 104 17.63 30.10 4.47
CA VAL B 104 16.30 30.56 4.78
C VAL B 104 15.64 31.14 3.54
N TYR B 105 14.65 30.41 3.03
CA TYR B 105 13.80 30.88 1.94
C TYR B 105 12.46 31.26 2.55
N PRO B 106 12.07 32.55 2.49
CA PRO B 106 10.81 32.93 3.11
C PRO B 106 9.62 32.25 2.47
N SER B 107 9.68 32.08 1.15
CA SER B 107 8.65 31.39 0.42
C SER B 107 9.20 30.80 -0.87
N LEU B 108 8.55 29.75 -1.35
CA LEU B 108 8.95 29.07 -2.59
C LEU B 108 7.71 28.47 -3.21
N ASP B 109 7.64 28.45 -4.53
CA ASP B 109 6.65 27.60 -5.21
C ASP B 109 7.20 26.18 -5.27
N VAL B 110 6.42 25.26 -5.83
CA VAL B 110 6.84 23.87 -5.90
CA VAL B 110 6.86 23.86 -5.88
C VAL B 110 8.14 23.70 -6.72
N ARG B 111 8.28 24.50 -7.79
CA ARG B 111 9.51 24.51 -8.57
C ARG B 111 10.72 24.84 -7.66
N GLY B 112 10.59 25.88 -6.85
CA GLY B 112 11.66 26.30 -5.95
C GLY B 112 11.98 25.25 -4.89
N ILE B 113 10.93 24.62 -4.35
CA ILE B 113 11.11 23.54 -3.39
C ILE B 113 11.99 22.43 -4.00
N MET B 114 11.70 22.06 -5.24
CA MET B 114 12.48 21.06 -5.96
C MET B 114 13.92 21.55 -6.23
N GLN B 115 14.01 22.73 -6.82
CA GLN B 115 15.27 23.35 -7.24
C GLN B 115 16.28 23.49 -6.12
N LYS B 116 15.80 23.98 -4.98
CA LYS B 116 16.63 24.30 -3.81
C LYS B 116 16.71 23.17 -2.79
N SER B 117 15.91 22.12 -2.99
CA SER B 117 15.75 21.03 -2.02
C SER B 117 15.32 21.55 -0.64
N SER B 118 14.16 22.20 -0.60
CA SER B 118 13.59 22.70 0.64
C SER B 118 12.96 21.57 1.44
N ASN B 119 13.59 21.23 2.56
CA ASN B 119 12.98 20.32 3.53
C ASN B 119 11.69 20.88 4.10
N VAL B 120 11.65 22.19 4.31
CA VAL B 120 10.47 22.82 4.89
C VAL B 120 9.28 22.68 3.95
N GLY B 121 9.51 23.02 2.68
CA GLY B 121 8.46 22.98 1.67
C GLY B 121 7.91 21.58 1.49
N THR B 122 8.81 20.60 1.38
CA THR B 122 8.43 19.22 1.20
C THR B 122 7.64 18.70 2.42
N SER B 123 8.09 19.05 3.62
CA SER B 123 7.40 18.60 4.84
C SER B 123 5.98 19.16 4.95
N LYS B 124 5.81 20.41 4.54
CA LYS B 124 4.48 21.04 4.56
C LYS B 124 3.53 20.42 3.53
N LEU B 125 4.06 20.01 2.37
CA LEU B 125 3.24 19.30 1.37
C LEU B 125 2.84 17.92 1.90
N SER B 126 3.80 17.19 2.47
CA SER B 126 3.52 15.90 3.08
C SER B 126 2.47 16.01 4.20
N ALA B 127 2.52 17.10 4.96
CA ALA B 127 1.59 17.30 6.09
C ALA B 127 0.14 17.55 5.65
N ARG B 128 -0.08 17.75 4.36
CA ARG B 128 -1.44 17.87 3.83
C ARG B 128 -2.11 16.52 3.67
N PHE B 129 -1.36 15.44 3.94
CA PHE B 129 -1.86 14.08 3.93
C PHE B 129 -1.76 13.52 5.33
N GLY B 130 -2.62 12.56 5.66
CA GLY B 130 -2.48 11.80 6.89
C GLY B 130 -1.31 10.86 6.82
N ALA B 131 -0.83 10.43 7.97
CA ALA B 131 0.29 9.51 8.07
C ALA B 131 0.00 8.20 7.31
N GLU B 132 -1.19 7.64 7.50
CA GLU B 132 -1.52 6.39 6.84
C GLU B 132 -1.53 6.55 5.31
N GLU B 133 -2.03 7.68 4.82
CA GLU B 133 -1.98 8.00 3.39
C GLU B 133 -0.56 8.00 2.87
N MET B 134 0.34 8.68 3.60
CA MET B 134 1.75 8.72 3.16
C MET B 134 2.40 7.35 3.21
N TYR B 135 2.10 6.59 4.25
CA TYR B 135 2.58 5.22 4.40
C TYR B 135 2.17 4.35 3.22
N ASP B 136 0.90 4.38 2.86
CA ASP B 136 0.44 3.59 1.73
C ASP B 136 1.15 4.03 0.44
N PHE B 137 1.38 5.35 0.30
CA PHE B 137 2.05 5.90 -0.87
C PHE B 137 3.48 5.39 -0.96
N TYR B 138 4.21 5.44 0.15
CA TYR B 138 5.55 4.89 0.16
C TYR B 138 5.56 3.40 -0.17
N HIS B 139 4.59 2.65 0.38
CA HIS B 139 4.51 1.23 0.07
C HIS B 139 4.21 0.99 -1.41
N GLU B 140 3.35 1.83 -1.99
CA GLU B 140 3.03 1.77 -3.42
C GLU B 140 4.26 2.00 -4.34
N LEU B 141 5.19 2.84 -3.88
CA LEU B 141 6.45 3.07 -4.57
C LEU B 141 7.39 1.86 -4.50
N GLY B 142 7.05 0.91 -3.63
CA GLY B 142 7.82 -0.33 -3.46
C GLY B 142 8.72 -0.36 -2.25
N ILE B 143 8.64 0.66 -1.40
CA ILE B 143 9.46 0.72 -0.18
C ILE B 143 8.95 -0.33 0.81
N GLY B 144 9.84 -1.22 1.22
CA GLY B 144 9.47 -2.35 2.04
C GLY B 144 9.05 -3.60 1.28
N VAL B 145 9.06 -3.53 -0.05
CA VAL B 145 8.61 -4.63 -0.90
C VAL B 145 9.81 -5.20 -1.65
N ARG B 146 10.16 -6.44 -1.31
CA ARG B 146 11.35 -7.06 -1.90
C ARG B 146 11.19 -7.19 -3.41
N MET B 147 12.28 -7.02 -4.15
CA MET B 147 12.20 -7.09 -5.60
C MET B 147 12.33 -8.50 -6.15
N HIS B 148 12.83 -9.42 -5.33
CA HIS B 148 13.02 -10.83 -5.74
C HIS B 148 13.88 -10.96 -7.00
N SER B 149 14.98 -10.22 -7.03
CA SER B 149 15.94 -10.24 -8.14
C SER B 149 16.74 -11.54 -8.18
N GLY B 150 16.82 -12.23 -7.04
CA GLY B 150 17.55 -13.49 -6.93
C GLY B 150 18.99 -13.32 -6.48
N PHE B 151 19.40 -12.09 -6.21
CA PHE B 151 20.72 -11.85 -5.64
C PHE B 151 20.71 -12.25 -4.18
N PRO B 152 21.75 -12.97 -3.73
CA PRO B 152 21.82 -13.29 -2.30
C PRO B 152 21.98 -12.04 -1.42
N GLY B 153 21.31 -12.04 -0.27
CA GLY B 153 21.36 -10.90 0.64
C GLY B 153 20.51 -9.72 0.21
N GLU B 154 19.64 -9.94 -0.78
CA GLU B 154 18.72 -8.90 -1.23
C GLU B 154 17.88 -8.38 -0.08
N THR B 155 17.78 -7.06 0.02
CA THR B 155 17.00 -6.42 1.07
C THR B 155 15.60 -6.08 0.56
N ALA B 156 14.62 -6.16 1.46
CA ALA B 156 13.25 -5.67 1.19
C ALA B 156 13.12 -4.18 1.48
N GLY B 157 14.07 -3.64 2.23
CA GLY B 157 14.01 -2.27 2.72
C GLY B 157 13.17 -2.19 4.00
N LEU B 158 12.89 -0.97 4.43
CA LEU B 158 12.18 -0.72 5.69
C LEU B 158 11.19 0.43 5.53
N LEU B 159 9.92 0.12 5.78
CA LEU B 159 8.88 1.13 5.91
C LEU B 159 8.23 0.95 7.28
N ARG B 160 8.54 1.85 8.21
CA ARG B 160 7.97 1.80 9.56
C ARG B 160 6.46 1.91 9.53
N ASN B 161 5.80 1.04 10.30
CA ASN B 161 4.34 1.08 10.43
C ASN B 161 3.87 2.48 10.81
N TRP B 162 2.89 3.00 10.05
CA TRP B 162 2.38 4.38 10.24
C TRP B 162 1.81 4.65 11.63
N ARG B 163 1.36 3.61 12.32
CA ARG B 163 0.80 3.78 13.66
C ARG B 163 1.87 4.22 14.67
N ARG B 164 3.13 3.93 14.37
CA ARG B 164 4.27 4.41 15.16
C ARG B 164 4.71 5.85 14.85
N TRP B 165 4.19 6.49 13.81
CA TRP B 165 4.65 7.85 13.40
C TRP B 165 4.02 8.98 14.20
N ARG B 166 4.86 9.83 14.79
CA ARG B 166 4.45 11.17 15.22
C ARG B 166 4.54 12.13 14.03
N PRO B 167 3.98 13.35 14.17
CA PRO B 167 4.14 14.34 13.11
C PRO B 167 5.59 14.59 12.67
N ILE B 168 6.53 14.58 13.62
CA ILE B 168 7.94 14.81 13.24
C ILE B 168 8.46 13.70 12.35
N GLU B 169 8.03 12.46 12.58
CA GLU B 169 8.45 11.36 11.72
C GLU B 169 7.89 11.47 10.30
N GLN B 170 6.61 11.80 10.17
CA GLN B 170 6.06 12.05 8.83
C GLN B 170 6.83 13.15 8.09
N ALA B 171 7.11 14.24 8.79
CA ALA B 171 7.88 15.36 8.23
C ALA B 171 9.26 14.93 7.76
N THR B 172 10.03 14.27 8.64
CA THR B 172 11.39 13.90 8.31
C THR B 172 11.44 12.80 7.24
N MET B 173 10.44 11.94 7.19
CA MET B 173 10.37 10.95 6.12
C MET B 173 10.18 11.60 4.77
N SER B 174 9.51 12.75 4.73
CA SER B 174 9.28 13.45 3.47
C SER B 174 10.56 14.02 2.87
N PHE B 175 11.60 14.24 3.68
CA PHE B 175 12.92 14.53 3.14
C PHE B 175 13.93 13.40 3.37
N GLY B 176 13.37 12.20 3.55
CA GLY B 176 14.09 10.95 3.35
C GLY B 176 14.77 10.31 4.53
N TYR B 177 14.48 10.79 5.75
CA TYR B 177 14.88 10.08 6.97
C TYR B 177 13.99 8.87 7.22
N GLY B 178 14.54 7.82 7.83
CA GLY B 178 13.73 6.70 8.35
C GLY B 178 13.38 5.62 7.34
N LEU B 179 12.92 6.04 6.17
CA LEU B 179 12.66 5.14 5.06
C LEU B 179 13.98 4.48 4.66
N GLN B 180 13.95 3.20 4.33
CA GLN B 180 15.14 2.53 3.84
C GLN B 180 14.84 1.67 2.62
N LEU B 181 15.69 1.79 1.61
CA LEU B 181 15.55 1.02 0.38
C LEU B 181 16.91 0.87 -0.30
N SER B 182 17.03 -0.11 -1.17
CA SER B 182 18.23 -0.28 -1.99
C SER B 182 18.25 0.75 -3.10
N LEU B 183 19.43 1.01 -3.65
CA LEU B 183 19.52 1.91 -4.79
C LEU B 183 18.68 1.40 -5.96
N LEU B 184 18.61 0.08 -6.12
CA LEU B 184 17.79 -0.49 -7.18
C LEU B 184 16.32 -0.18 -6.97
N GLN B 185 15.85 -0.32 -5.72
CA GLN B 185 14.48 0.06 -5.38
C GLN B 185 14.21 1.55 -5.62
N LEU B 186 15.20 2.40 -5.30
CA LEU B 186 15.06 3.83 -5.51
C LEU B 186 15.01 4.18 -6.99
N ALA B 187 15.91 3.59 -7.79
CA ALA B 187 15.88 3.76 -9.24
C ALA B 187 14.54 3.28 -9.80
N ARG B 188 14.04 2.15 -9.29
CA ARG B 188 12.73 1.66 -9.75
C ARG B 188 11.65 2.72 -9.57
N ALA B 189 11.64 3.38 -8.41
CA ALA B 189 10.61 4.38 -8.13
C ALA B 189 10.60 5.44 -9.20
N TYR B 190 11.77 5.80 -9.74
CA TYR B 190 11.85 6.85 -10.76
C TYR B 190 11.16 6.48 -12.09
N THR B 191 10.92 5.20 -12.35
CA THR B 191 10.18 4.81 -13.55
C THR B 191 8.75 5.36 -13.52
N ALA B 192 8.20 5.61 -12.33
CA ALA B 192 6.87 6.23 -12.26
C ALA B 192 6.86 7.66 -12.84
N LEU B 193 8.00 8.35 -12.72
CA LEU B 193 8.12 9.67 -13.30
C LEU B 193 8.45 9.63 -14.80
N THR B 194 9.30 8.69 -15.22
CA THR B 194 9.75 8.63 -16.62
C THR B 194 8.74 7.95 -17.53
N HIS B 195 8.08 6.92 -17.03
CA HIS B 195 7.11 6.15 -17.80
C HIS B 195 5.69 6.68 -17.56
N ASP B 196 5.56 8.01 -17.60
CA ASP B 196 4.27 8.72 -17.57
C ASP B 196 3.29 8.33 -16.45
N GLY B 197 3.83 8.17 -15.24
CA GLY B 197 3.03 7.89 -14.07
C GLY B 197 2.89 6.43 -13.72
N VAL B 198 3.43 5.56 -14.56
CA VAL B 198 3.27 4.12 -14.40
C VAL B 198 4.58 3.52 -13.89
N LEU B 199 4.53 3.01 -12.65
CA LEU B 199 5.67 2.32 -12.04
C LEU B 199 5.92 0.98 -12.74
N LEU B 200 7.19 0.70 -13.08
CA LEU B 200 7.58 -0.54 -13.73
C LEU B 200 8.22 -1.48 -12.72
N PRO B 201 8.08 -2.81 -12.94
CA PRO B 201 8.71 -3.79 -12.05
C PRO B 201 10.24 -3.82 -12.11
N LEU B 202 10.78 -3.40 -13.25
CA LEU B 202 12.20 -3.60 -13.64
C LEU B 202 12.42 -5.03 -14.09
N SER B 203 13.42 -5.20 -14.94
CA SER B 203 13.69 -6.48 -15.58
C SER B 203 15.19 -6.60 -15.83
N PHE B 204 15.73 -7.78 -15.52
CA PHE B 204 17.11 -8.12 -15.86
C PHE B 204 17.20 -8.80 -17.23
N GLU B 205 16.06 -8.93 -17.90
CA GLU B 205 16.02 -9.55 -19.21
C GLU B 205 15.44 -8.58 -20.23
N LYS B 206 15.92 -8.69 -21.46
CA LYS B 206 15.38 -7.93 -22.57
C LYS B 206 13.92 -8.33 -22.76
N GLN B 207 13.06 -7.33 -22.91
CA GLN B 207 11.63 -7.54 -22.98
C GLN B 207 11.19 -7.58 -24.42
N ALA B 208 10.55 -8.67 -24.83
CA ALA B 208 9.99 -8.79 -26.18
C ALA B 208 8.83 -7.81 -26.37
N VAL B 209 8.10 -7.55 -25.29
CA VAL B 209 7.04 -6.54 -25.29
C VAL B 209 7.16 -5.64 -24.05
N ALA B 210 6.86 -4.35 -24.21
CA ALA B 210 6.90 -3.41 -23.09
C ALA B 210 5.98 -3.89 -21.97
N PRO B 211 6.46 -3.86 -20.71
CA PRO B 211 5.81 -4.59 -19.62
C PRO B 211 4.63 -3.87 -18.95
N GLN B 212 3.79 -4.66 -18.29
CA GLN B 212 2.65 -4.15 -17.53
C GLN B 212 3.15 -3.53 -16.22
N GLY B 213 2.93 -2.23 -16.09
CA GLY B 213 3.25 -1.55 -14.86
C GLY B 213 2.00 -1.30 -14.02
N LYS B 214 2.15 -0.39 -13.07
CA LYS B 214 1.09 -0.05 -12.15
C LYS B 214 1.05 1.47 -12.08
N ARG B 215 -0.11 2.05 -12.37
CA ARG B 215 -0.22 3.51 -12.32
C ARG B 215 -0.16 4.03 -10.88
N ILE B 216 0.72 5.01 -10.66
CA ILE B 216 0.82 5.71 -9.39
C ILE B 216 0.39 7.18 -9.51
N PHE B 217 0.73 7.83 -10.63
CA PHE B 217 0.33 9.21 -10.91
C PHE B 217 -0.38 9.29 -12.25
N LYS B 218 -1.19 10.32 -12.41
CA LYS B 218 -1.71 10.70 -13.73
C LYS B 218 -0.54 11.07 -14.66
N GLU B 219 -0.70 10.79 -15.96
CA GLU B 219 0.30 11.17 -16.96
C GLU B 219 0.72 12.64 -16.84
N SER B 220 -0.27 13.51 -16.68
CA SER B 220 -0.03 14.95 -16.60
C SER B 220 0.87 15.31 -15.41
N THR B 221 0.64 14.65 -14.28
CA THR B 221 1.46 14.88 -13.09
C THR B 221 2.92 14.52 -13.35
N ALA B 222 3.14 13.34 -13.91
CA ALA B 222 4.50 12.88 -14.17
C ALA B 222 5.22 13.86 -15.11
N ARG B 223 4.53 14.29 -16.16
CA ARG B 223 5.10 15.23 -17.13
C ARG B 223 5.48 16.58 -16.48
N GLU B 224 4.59 17.09 -15.62
CA GLU B 224 4.83 18.34 -14.90
C GLU B 224 6.04 18.20 -13.98
N VAL B 225 6.11 17.08 -13.27
CA VAL B 225 7.20 16.86 -12.33
C VAL B 225 8.56 16.72 -13.04
N ARG B 226 8.61 16.01 -14.16
CA ARG B 226 9.85 15.95 -14.93
C ARG B 226 10.34 17.34 -15.28
N ASN B 227 9.42 18.20 -15.72
CA ASN B 227 9.78 19.58 -16.05
CA ASN B 227 9.75 19.59 -16.05
C ASN B 227 10.32 20.33 -14.84
N LEU B 228 9.68 20.17 -13.67
CA LEU B 228 10.18 20.82 -12.45
C LEU B 228 11.60 20.39 -12.14
N MET B 229 11.88 19.11 -12.38
CA MET B 229 13.17 18.52 -12.03
C MET B 229 14.32 19.02 -12.91
N VAL B 230 14.00 19.60 -14.07
CA VAL B 230 15.03 20.23 -14.90
C VAL B 230 15.65 21.42 -14.17
N SER B 231 14.88 22.10 -13.30
CA SER B 231 15.40 23.22 -12.53
C SER B 231 16.60 22.81 -11.67
N VAL B 232 16.69 21.52 -11.32
CA VAL B 232 17.77 21.04 -10.44
C VAL B 232 19.14 21.12 -11.12
N THR B 233 19.17 20.93 -12.43
CA THR B 233 20.43 20.90 -13.20
C THR B 233 20.72 22.21 -13.91
N GLU B 234 19.80 23.18 -13.82
CA GLU B 234 20.00 24.50 -14.38
C GLU B 234 20.48 25.46 -13.29
N PRO B 235 21.06 26.62 -13.70
CA PRO B 235 21.56 27.58 -12.72
C PRO B 235 20.53 27.93 -11.66
N GLY B 236 20.95 27.86 -10.40
CA GLY B 236 20.06 28.06 -9.27
C GLY B 236 19.71 26.75 -8.59
N GLY B 237 19.94 25.64 -9.28
CA GLY B 237 19.58 24.33 -8.76
C GLY B 237 20.75 23.71 -8.04
N THR B 238 20.45 22.74 -7.19
CA THR B 238 21.48 22.04 -6.42
C THR B 238 22.36 21.09 -7.25
N GLY B 239 21.92 20.73 -8.45
CA GLY B 239 22.57 19.68 -9.24
C GLY B 239 23.15 20.06 -10.59
N THR B 240 23.62 21.30 -10.69
CA THR B 240 24.22 21.79 -11.93
C THR B 240 25.44 20.99 -12.37
N ALA B 241 26.12 20.34 -11.41
CA ALA B 241 27.27 19.49 -11.74
C ALA B 241 26.87 18.25 -12.53
N GLY B 242 25.59 17.90 -12.50
CA GLY B 242 25.07 16.77 -13.27
C GLY B 242 24.47 17.11 -14.63
N ALA B 243 24.45 18.40 -15.00
CA ALA B 243 23.96 18.80 -16.32
C ALA B 243 24.76 18.11 -17.44
N VAL B 244 24.06 17.76 -18.51
CA VAL B 244 24.64 17.08 -19.67
C VAL B 244 24.45 17.97 -20.90
N ASP B 245 25.58 18.30 -21.52
CA ASP B 245 25.61 19.19 -22.68
C ASP B 245 24.76 18.57 -23.80
N GLY B 246 23.86 19.37 -24.35
CA GLY B 246 23.01 18.93 -25.45
C GLY B 246 21.66 18.39 -25.04
N PHE B 247 21.44 18.23 -23.74
CA PHE B 247 20.17 17.69 -23.23
C PHE B 247 19.60 18.51 -22.07
N ASP B 248 18.28 18.43 -21.90
CA ASP B 248 17.63 18.86 -20.67
C ASP B 248 17.55 17.63 -19.78
N VAL B 249 18.06 17.75 -18.55
CA VAL B 249 18.17 16.64 -17.63
C VAL B 249 17.31 16.93 -16.41
N GLY B 250 16.39 16.03 -16.11
CA GLY B 250 15.61 16.13 -14.87
C GLY B 250 16.37 15.32 -13.83
N ALA B 251 16.59 15.89 -12.64
CA ALA B 251 17.38 15.21 -11.62
C ALA B 251 17.00 15.61 -10.20
N LYS B 252 17.53 14.86 -9.24
CA LYS B 252 17.41 15.25 -7.85
C LYS B 252 18.68 14.86 -7.11
N THR B 253 19.20 15.80 -6.35
CA THR B 253 20.31 15.56 -5.44
C THR B 253 19.83 15.05 -4.08
N GLY B 254 20.72 14.34 -3.41
CA GLY B 254 20.50 13.98 -2.02
C GLY B 254 21.81 14.03 -1.28
N THR B 255 21.75 14.55 -0.06
CA THR B 255 22.90 14.55 0.85
C THR B 255 22.36 14.08 2.20
N ALA B 256 22.77 12.89 2.63
CA ALA B 256 22.16 12.27 3.80
C ALA B 256 23.20 12.08 4.90
N ARG B 257 22.89 12.57 6.09
CA ARG B 257 23.71 12.26 7.26
C ARG B 257 23.63 10.78 7.55
N LYS B 258 24.77 10.15 7.85
CA LYS B 258 24.77 8.73 8.19
C LYS B 258 24.34 8.52 9.64
N PHE B 259 23.59 7.44 9.85
CA PHE B 259 23.17 7.05 11.19
C PHE B 259 24.25 6.13 11.77
N VAL B 260 24.96 6.61 12.79
CA VAL B 260 26.06 5.86 13.40
C VAL B 260 26.21 6.19 14.89
N ASN B 261 26.52 5.16 15.68
CA ASN B 261 26.60 5.26 17.15
C ASN B 261 25.29 5.71 17.80
N GLY B 262 24.15 5.37 17.19
CA GLY B 262 22.84 5.68 17.75
C GLY B 262 22.23 7.02 17.35
N ARG B 263 23.03 7.87 16.70
CA ARG B 263 22.57 9.20 16.29
C ARG B 263 22.92 9.45 14.83
N TYR B 264 22.44 10.56 14.28
CA TYR B 264 22.87 10.99 12.95
C TYR B 264 24.14 11.84 13.07
N ALA B 265 25.16 11.47 12.30
CA ALA B 265 26.45 12.17 12.35
C ALA B 265 26.44 13.41 11.48
N ASP B 266 27.07 14.47 11.96
CA ASP B 266 27.21 15.70 11.19
C ASP B 266 28.49 15.68 10.33
N ASN B 267 29.29 14.63 10.45
CA ASN B 267 30.57 14.53 9.75
C ASN B 267 30.72 13.29 8.84
N LYS B 268 29.64 12.55 8.62
CA LYS B 268 29.68 11.42 7.69
C LYS B 268 28.38 11.46 6.88
N HIS B 269 28.49 11.35 5.56
CA HIS B 269 27.32 11.50 4.67
C HIS B 269 27.32 10.51 3.54
N VAL B 270 26.15 10.38 2.90
CA VAL B 270 25.99 9.62 1.68
C VAL B 270 25.50 10.62 0.63
N ALA B 271 26.21 10.69 -0.50
CA ALA B 271 25.92 11.65 -1.56
C ALA B 271 25.22 10.92 -2.68
N THR B 272 24.04 11.41 -3.07
CA THR B 272 23.23 10.75 -4.09
C THR B 272 22.84 11.72 -5.21
N PHE B 273 22.80 11.22 -6.42
CA PHE B 273 22.36 11.98 -7.58
C PHE B 273 21.61 11.04 -8.48
N ILE B 274 20.37 11.37 -8.80
CA ILE B 274 19.55 10.50 -9.63
CA ILE B 274 19.51 10.50 -9.61
C ILE B 274 18.82 11.35 -10.65
N GLY B 275 18.82 10.89 -11.90
CA GLY B 275 18.20 11.69 -12.95
C GLY B 275 17.93 10.91 -14.20
N PHE B 276 17.35 11.61 -15.17
CA PHE B 276 16.89 10.99 -16.38
C PHE B 276 16.98 12.01 -17.50
N ALA B 277 17.09 11.50 -18.73
CA ALA B 277 17.19 12.32 -19.93
C ALA B 277 16.80 11.49 -21.15
N PRO B 278 16.36 12.13 -22.23
CA PRO B 278 15.97 13.54 -22.29
C PRO B 278 14.77 13.82 -21.38
N ALA B 279 14.76 14.97 -20.71
CA ALA B 279 13.78 15.22 -19.65
C ALA B 279 12.33 15.08 -20.12
N LYS B 280 12.03 15.59 -21.31
CA LYS B 280 10.64 15.59 -21.79
C LYS B 280 10.17 14.23 -22.25
N ASN B 281 11.09 13.45 -22.83
CA ASN B 281 10.79 12.11 -23.37
C ASN B 281 11.96 11.20 -22.98
N PRO B 282 12.01 10.82 -21.70
CA PRO B 282 13.21 10.16 -21.17
C PRO B 282 13.46 8.76 -21.69
N ARG B 283 14.75 8.46 -21.87
CA ARG B 283 15.18 7.16 -22.35
C ARG B 283 16.03 6.43 -21.32
N VAL B 284 16.71 7.18 -20.46
CA VAL B 284 17.69 6.61 -19.53
C VAL B 284 17.51 7.20 -18.14
N ILE B 285 17.60 6.35 -17.11
CA ILE B 285 17.69 6.79 -15.72
C ILE B 285 19.06 6.37 -15.24
N VAL B 286 19.78 7.28 -14.60
CA VAL B 286 21.06 6.97 -13.95
C VAL B 286 20.99 7.37 -12.48
N ALA B 287 21.32 6.43 -11.60
CA ALA B 287 21.31 6.67 -10.18
C ALA B 287 22.71 6.38 -9.65
N VAL B 288 23.26 7.34 -8.93
CA VAL B 288 24.61 7.24 -8.33
C VAL B 288 24.54 7.51 -6.83
N THR B 289 25.17 6.66 -6.03
CA THR B 289 25.33 6.92 -4.60
C THR B 289 26.79 6.69 -4.23
N ILE B 290 27.37 7.66 -3.53
CA ILE B 290 28.76 7.61 -3.04
C ILE B 290 28.72 7.69 -1.52
N ASP B 291 29.24 6.67 -0.86
CA ASP B 291 29.12 6.47 0.58
C ASP B 291 30.37 7.01 1.29
N GLU B 292 30.16 7.99 2.16
CA GLU B 292 31.21 8.61 2.99
C GLU B 292 32.39 9.18 2.20
N PRO B 293 32.14 10.17 1.32
CA PRO B 293 33.25 10.92 0.75
C PRO B 293 34.00 11.68 1.84
N THR B 294 35.33 11.64 1.80
CA THR B 294 36.15 12.30 2.82
C THR B 294 37.08 13.39 2.25
N ALA B 295 37.12 13.53 0.93
CA ALA B 295 37.89 14.58 0.28
C ALA B 295 37.03 15.28 -0.77
N HIS B 296 37.28 16.58 -0.92
CA HIS B 296 36.66 17.40 -1.97
C HIS B 296 35.13 17.45 -1.89
N GLY B 297 34.61 17.53 -0.67
CA GLY B 297 33.19 17.79 -0.44
C GLY B 297 32.37 16.54 -0.20
N TYR B 298 31.11 16.73 0.21
CA TYR B 298 30.21 15.61 0.45
C TYR B 298 28.79 15.75 -0.09
N TYR B 299 28.47 16.87 -0.73
CA TYR B 299 27.10 17.09 -1.23
C TYR B 299 26.78 16.19 -2.42
N GLY B 300 25.52 15.80 -2.56
CA GLY B 300 25.10 14.99 -3.69
C GLY B 300 25.51 15.58 -5.03
N GLY B 301 25.27 16.86 -5.21
CA GLY B 301 25.57 17.57 -6.46
C GLY B 301 27.06 17.52 -6.77
N VAL B 302 27.88 17.87 -5.80
CA VAL B 302 29.33 17.94 -5.97
C VAL B 302 29.99 16.58 -6.19
N VAL B 303 29.57 15.59 -5.42
CA VAL B 303 30.20 14.29 -5.40
C VAL B 303 29.61 13.32 -6.42
N ALA B 304 28.28 13.27 -6.51
CA ALA B 304 27.64 12.28 -7.36
C ALA B 304 27.18 12.86 -8.71
N GLY B 305 27.16 14.19 -8.83
CA GLY B 305 26.81 14.87 -10.06
C GLY B 305 27.77 14.56 -11.21
N PRO B 306 29.08 14.73 -10.99
CA PRO B 306 30.01 14.47 -12.07
C PRO B 306 30.00 13.03 -12.64
N PRO B 307 29.98 11.99 -11.78
CA PRO B 307 29.87 10.65 -12.37
C PRO B 307 28.53 10.44 -13.08
N PHE B 308 27.46 11.01 -12.54
CA PHE B 308 26.17 11.02 -13.23
C PHE B 308 26.29 11.64 -14.62
N LYS B 309 26.91 12.82 -14.70
CA LYS B 309 27.06 13.53 -15.96
C LYS B 309 27.73 12.66 -17.02
N LYS B 310 28.84 12.05 -16.62
CA LYS B 310 29.63 11.20 -17.52
C LYS B 310 28.89 9.91 -17.92
N ILE B 311 28.25 9.26 -16.95
CA ILE B 311 27.53 8.02 -17.22
C ILE B 311 26.28 8.32 -18.05
N MET B 312 25.55 9.39 -17.72
CA MET B 312 24.35 9.71 -18.51
C MET B 312 24.75 10.10 -19.94
N GLY B 313 25.67 11.04 -20.07
CA GLY B 313 26.18 11.47 -21.38
C GLY B 313 26.68 10.32 -22.23
N GLY B 314 27.53 9.48 -21.65
CA GLY B 314 28.05 8.28 -22.32
C GLY B 314 27.00 7.26 -22.69
N SER B 315 26.01 7.06 -21.81
CA SER B 315 24.94 6.11 -22.08
C SER B 315 24.03 6.57 -23.22
N LEU B 316 23.73 7.85 -23.27
CA LEU B 316 22.89 8.41 -24.33
C LEU B 316 23.60 8.23 -25.68
N ASN B 317 24.89 8.54 -25.72
CA ASN B 317 25.71 8.32 -26.92
C ASN B 317 25.72 6.84 -27.33
N ILE B 318 26.02 5.94 -26.38
CA ILE B 318 26.05 4.49 -26.65
C ILE B 318 24.73 3.97 -27.23
N LEU B 319 23.61 4.51 -26.76
CA LEU B 319 22.28 4.06 -27.18
C LEU B 319 21.75 4.79 -28.40
N GLY B 320 22.53 5.71 -28.96
CA GLY B 320 22.18 6.41 -30.18
C GLY B 320 21.10 7.46 -30.00
N ILE B 321 21.08 8.08 -28.82
CA ILE B 321 20.09 9.09 -28.52
C ILE B 321 20.75 10.44 -28.75
N SER B 322 20.26 11.16 -29.75
CA SER B 322 20.86 12.41 -30.17
C SER B 322 20.48 13.57 -29.25
N PRO B 323 21.40 14.55 -29.10
CA PRO B 323 21.08 15.76 -28.36
C PRO B 323 19.82 16.44 -28.88
N THR B 324 19.13 17.11 -27.99
CA THR B 324 17.93 17.87 -28.34
C THR B 324 18.23 19.35 -28.59
N LYS B 325 19.43 19.80 -28.22
CA LYS B 325 19.87 21.17 -28.46
C LYS B 325 21.37 21.19 -28.79
N PRO B 326 21.84 22.26 -29.45
CA PRO B 326 23.25 22.25 -29.82
C PRO B 326 24.18 22.20 -28.62
N LEU B 327 25.29 21.51 -28.80
CA LEU B 327 26.32 21.39 -27.81
C LEU B 327 27.12 22.69 -27.73
N THR B 328 27.63 22.98 -26.53
CA THR B 328 28.47 24.16 -26.29
C THR B 328 29.93 23.79 -26.04
N ALA B 329 30.20 22.51 -25.82
CA ALA B 329 31.56 22.04 -25.59
C ALA B 329 31.69 20.55 -25.90
#